data_8CNE
#
_entry.id   8CNE
#
_cell.length_a   101.202
_cell.length_b   104.378
_cell.length_c   142.284
_cell.angle_alpha   90.00
_cell.angle_beta   90.00
_cell.angle_gamma   90.00
#
_symmetry.space_group_name_H-M   'C 2 2 21'
#
loop_
_entity.id
_entity.type
_entity.pdbx_description
1 polymer '3-oxoacyl-[acyl-carrier-protein] synthase 2'
2 non-polymer 'DIMETHYL SULFOXIDE'
3 non-polymer N-(propan-2-yl)-1H-pyrazole-3-carboxamide
4 non-polymer 'PHOSPHATE ION'
5 non-polymer 'FORMIC ACID'
6 water water
#
_entity_poly.entity_id   1
_entity_poly.type   'polypeptide(L)'
_entity_poly.pdbx_seq_one_letter_code
;GHMASMSRRRVVITGMGMLSPLGLDVPSSWEGILAGRSGIAPIEHMDLSAYSTRFGGSVKGFNVEEYLSAKEARKLDLFI
QYGLAASFQAVRDSGLEVTDANRERIGVSMGSGIGGLTNIENNCRSLFEQGPRRISPFFVPGSIINMVSGFLSIHLGLQG
PNYALTTAATTGTHSIGMAARNIAYGEADVMVAGGSEMAACGLGLGGFGAARALSTRNDEPTRASRPWDRDRDGFVLSDG
SGALVLEELEHARARGARIYAELVGFGMSGDAFHMTAPPEDGAGAARCMKNALRDAGLDPRQVDYINAHGTSTPAGDIAE
IAAVKSVFGEHAHALSMSSTKSMTGHLLGAAGAVEAIFSVLALRDQVAPPTINLDNPDEGCDLDLVAHEAKPRKIDVALS
NSFGFGGTNGTLVFRRFAD
;
_entity_poly.pdbx_strand_id   A,B
#
loop_
_chem_comp.id
_chem_comp.type
_chem_comp.name
_chem_comp.formula
DMS non-polymer 'DIMETHYL SULFOXIDE' 'C2 H6 O S'
FMT non-polymer 'FORMIC ACID' 'C H2 O2'
PO4 non-polymer 'PHOSPHATE ION' 'O4 P -3'
Q5L non-polymer N-(propan-2-yl)-1H-pyrazole-3-carboxamide 'C7 H11 N3 O'
#
# COMPACT_ATOMS: atom_id res chain seq x y z
N ARG A 8 -3.20 -7.35 -44.47
CA ARG A 8 -2.70 -6.20 -45.29
C ARG A 8 -3.80 -5.14 -45.40
N ARG A 9 -5.04 -5.47 -45.03
CA ARG A 9 -6.25 -4.63 -45.25
C ARG A 9 -6.30 -3.51 -44.20
N ARG A 10 -6.90 -2.38 -44.56
CA ARG A 10 -7.00 -1.19 -43.67
C ARG A 10 -8.25 -1.32 -42.79
N VAL A 11 -8.16 -0.85 -41.54
CA VAL A 11 -9.25 -0.98 -40.54
C VAL A 11 -9.67 0.40 -40.06
N VAL A 12 -10.96 0.69 -40.13
CA VAL A 12 -11.51 1.99 -39.70
C VAL A 12 -12.56 1.75 -38.62
N ILE A 13 -12.87 2.81 -37.88
CA ILE A 13 -13.89 2.80 -36.79
C ILE A 13 -15.16 3.44 -37.34
N THR A 14 -16.27 2.71 -37.36
CA THR A 14 -17.57 3.16 -37.95
C THR A 14 -18.68 3.23 -36.88
N GLY A 15 -18.41 2.84 -35.63
CA GLY A 15 -19.44 2.87 -34.57
C GLY A 15 -18.81 2.82 -33.20
N MET A 16 -19.38 3.52 -32.22
CA MET A 16 -18.85 3.57 -30.84
C MET A 16 -20.01 3.57 -29.85
N GLY A 17 -19.80 2.94 -28.68
CA GLY A 17 -20.81 2.87 -27.61
C GLY A 17 -20.10 2.83 -26.26
N MET A 18 -20.77 3.31 -25.22
CA MET A 18 -20.12 3.50 -23.90
C MET A 18 -21.15 3.54 -22.77
N LEU A 19 -20.80 2.97 -21.63
CA LEU A 19 -21.30 3.38 -20.30
C LEU A 19 -20.09 3.82 -19.47
N SER A 20 -20.15 4.98 -18.83
CA SER A 20 -19.04 5.45 -17.98
C SER A 20 -19.58 6.18 -16.78
N PRO A 21 -18.72 6.50 -15.79
CA PRO A 21 -19.11 7.38 -14.69
C PRO A 21 -19.54 8.78 -15.11
N LEU A 22 -19.33 9.17 -16.37
CA LEU A 22 -19.70 10.52 -16.89
C LEU A 22 -20.96 10.47 -17.76
N GLY A 23 -21.48 9.30 -18.12
CA GLY A 23 -22.68 9.25 -18.98
C GLY A 23 -23.07 7.87 -19.43
N LEU A 24 -24.32 7.75 -19.87
CA LEU A 24 -24.93 6.46 -20.31
C LEU A 24 -24.74 6.26 -21.82
N ASP A 25 -23.97 7.11 -22.49
CA ASP A 25 -23.64 6.95 -23.92
C ASP A 25 -22.36 7.73 -24.24
N VAL A 26 -21.92 7.71 -25.49
CA VAL A 26 -20.66 8.38 -25.91
C VAL A 26 -20.81 9.90 -25.84
N PRO A 27 -21.81 10.54 -26.48
N PRO A 27 -21.80 10.53 -26.50
CA PRO A 27 -21.87 12.00 -26.49
CA PRO A 27 -21.91 12.00 -26.49
C PRO A 27 -21.96 12.61 -25.08
C PRO A 27 -21.96 12.61 -25.08
N SER A 28 -22.73 12.02 -24.16
CA SER A 28 -22.85 12.53 -22.77
C SER A 28 -21.52 12.38 -22.03
N SER A 29 -20.83 11.25 -22.22
CA SER A 29 -19.51 11.01 -21.58
C SER A 29 -18.48 12.03 -22.10
N TRP A 30 -18.41 12.24 -23.41
CA TRP A 30 -17.43 13.14 -24.05
C TRP A 30 -17.66 14.60 -23.64
N GLU A 31 -18.92 15.01 -23.49
CA GLU A 31 -19.26 16.38 -22.99
C GLU A 31 -18.62 16.56 -21.61
N GLY A 32 -18.75 15.56 -20.72
CA GLY A 32 -18.13 15.59 -19.39
C GLY A 32 -16.61 15.67 -19.47
N ILE A 33 -16.00 14.86 -20.34
CA ILE A 33 -14.53 14.85 -20.53
C ILE A 33 -14.05 16.25 -20.91
N LEU A 34 -14.68 16.86 -21.93
CA LEU A 34 -14.21 18.18 -22.42
C LEU A 34 -14.49 19.28 -21.39
N ALA A 35 -15.47 19.09 -20.50
CA ALA A 35 -15.81 20.08 -19.45
C ALA A 35 -14.95 19.89 -18.19
N GLY A 36 -14.10 18.85 -18.12
CA GLY A 36 -13.28 18.57 -16.93
C GLY A 36 -14.11 18.10 -15.75
N ARG A 37 -15.26 17.45 -16.02
CA ARG A 37 -16.19 16.98 -14.96
CA ARG A 37 -16.18 16.99 -14.96
C ARG A 37 -15.66 15.67 -14.37
N SER A 38 -15.80 15.50 -13.05
CA SER A 38 -15.48 14.23 -12.35
C SER A 38 -16.71 13.34 -12.34
N GLY A 39 -16.53 12.04 -12.56
CA GLY A 39 -17.58 11.03 -12.38
C GLY A 39 -17.45 10.29 -11.07
N ILE A 40 -16.60 10.76 -10.15
CA ILE A 40 -16.27 10.01 -8.90
C ILE A 40 -17.13 10.53 -7.75
N ALA A 41 -17.67 9.63 -6.94
CA ALA A 41 -18.57 9.96 -5.82
C ALA A 41 -18.58 8.85 -4.79
N PRO A 42 -19.03 9.13 -3.55
CA PRO A 42 -19.26 8.07 -2.57
C PRO A 42 -20.16 6.98 -3.15
N ILE A 43 -19.84 5.72 -2.91
CA ILE A 43 -20.58 4.56 -3.48
C ILE A 43 -21.91 4.41 -2.70
N GLU A 44 -23.02 4.25 -3.43
CA GLU A 44 -24.40 4.26 -2.87
C GLU A 44 -24.97 2.84 -2.77
N HIS A 45 -24.52 1.90 -3.61
CA HIS A 45 -25.18 0.57 -3.81
C HIS A 45 -24.75 -0.43 -2.74
N MET A 46 -23.76 -0.12 -1.89
CA MET A 46 -23.44 -0.95 -0.70
C MET A 46 -22.96 -0.05 0.44
N ASP A 47 -23.01 -0.59 1.66
CA ASP A 47 -22.54 0.10 2.90
C ASP A 47 -21.04 -0.20 3.06
N LEU A 48 -20.19 0.82 2.92
CA LEU A 48 -18.71 0.68 2.93
C LEU A 48 -18.11 1.35 4.19
N SER A 49 -18.95 1.62 5.20
CA SER A 49 -18.54 2.34 6.43
C SER A 49 -17.30 1.68 7.05
N ALA A 50 -17.09 0.38 6.82
CA ALA A 50 -15.96 -0.41 7.38
C ALA A 50 -14.75 -0.50 6.44
N TYR A 51 -14.79 0.12 5.26
CA TYR A 51 -13.72 0.01 4.23
C TYR A 51 -12.81 1.26 4.28
N SER A 52 -11.57 1.17 3.81
CA SER A 52 -10.61 2.31 3.79
C SER A 52 -10.84 3.19 2.56
N THR A 53 -11.50 2.68 1.52
CA THR A 53 -11.93 3.44 0.33
C THR A 53 -13.45 3.28 0.18
N ARG A 54 -14.19 4.39 0.13
CA ARG A 54 -15.68 4.38 0.18
C ARG A 54 -16.28 5.13 -1.02
N PHE A 55 -15.48 5.35 -2.07
CA PHE A 55 -15.89 6.13 -3.26
C PHE A 55 -15.33 5.43 -4.50
N GLY A 56 -15.90 5.77 -5.65
CA GLY A 56 -15.50 5.22 -6.95
C GLY A 56 -16.29 5.83 -8.09
N GLY A 57 -16.08 5.32 -9.30
CA GLY A 57 -16.80 5.76 -10.50
C GLY A 57 -17.92 4.79 -10.81
N SER A 58 -19.15 5.11 -10.42
CA SER A 58 -20.35 4.27 -10.66
C SER A 58 -21.03 4.69 -11.96
N VAL A 59 -21.67 3.75 -12.64
CA VAL A 59 -22.61 4.10 -13.74
C VAL A 59 -23.94 4.48 -13.06
N LYS A 60 -24.41 5.71 -13.27
CA LYS A 60 -25.62 6.25 -12.60
C LYS A 60 -26.84 6.18 -13.53
N GLY A 61 -27.91 5.50 -13.09
CA GLY A 61 -29.22 5.49 -13.75
C GLY A 61 -29.29 4.53 -14.93
N PHE A 62 -28.43 3.51 -14.97
CA PHE A 62 -28.45 2.49 -16.05
C PHE A 62 -29.78 1.73 -16.00
N ASN A 63 -30.47 1.64 -17.13
CA ASN A 63 -31.71 0.84 -17.29
C ASN A 63 -31.46 -0.27 -18.30
N VAL A 64 -31.20 -1.48 -17.81
CA VAL A 64 -30.89 -2.65 -18.68
C VAL A 64 -32.09 -2.93 -19.61
N GLU A 65 -33.31 -2.51 -19.22
CA GLU A 65 -34.53 -2.84 -20.01
C GLU A 65 -34.59 -2.01 -21.30
N GLU A 66 -33.70 -1.02 -21.47
CA GLU A 66 -33.51 -0.32 -22.77
C GLU A 66 -32.87 -1.28 -23.79
N TYR A 67 -32.26 -2.38 -23.32
CA TYR A 67 -31.44 -3.30 -24.17
C TYR A 67 -31.99 -4.74 -24.15
N LEU A 68 -32.40 -5.23 -22.98
CA LEU A 68 -32.77 -6.64 -22.75
C LEU A 68 -34.14 -6.69 -22.06
N SER A 69 -34.89 -7.78 -22.26
CA SER A 69 -36.08 -8.13 -21.44
C SER A 69 -35.62 -8.32 -19.99
N ALA A 70 -36.53 -8.11 -19.03
CA ALA A 70 -36.27 -8.33 -17.59
C ALA A 70 -35.86 -9.79 -17.37
N LYS A 71 -36.46 -10.70 -18.14
CA LYS A 71 -36.21 -12.17 -18.11
C LYS A 71 -34.72 -12.42 -18.38
N GLU A 72 -34.23 -12.00 -19.55
CA GLU A 72 -32.81 -12.17 -20.01
C GLU A 72 -31.86 -11.52 -19.00
N ALA A 73 -32.13 -10.27 -18.60
CA ALA A 73 -31.23 -9.45 -17.77
C ALA A 73 -30.97 -10.12 -16.41
N ARG A 74 -31.98 -10.80 -15.83
CA ARG A 74 -31.91 -11.46 -14.49
C ARG A 74 -30.85 -12.58 -14.51
N LYS A 75 -30.51 -13.11 -15.69
CA LYS A 75 -29.56 -14.24 -15.85
C LYS A 75 -28.10 -13.75 -15.92
N LEU A 76 -27.85 -12.45 -16.07
CA LEU A 76 -26.50 -11.91 -16.46
C LEU A 76 -25.91 -11.01 -15.38
N ASP A 77 -24.63 -11.21 -15.03
CA ASP A 77 -23.89 -10.28 -14.14
C ASP A 77 -23.91 -8.88 -14.74
N LEU A 78 -23.81 -7.86 -13.89
CA LEU A 78 -23.76 -6.45 -14.32
C LEU A 78 -22.65 -6.23 -15.37
N PHE A 79 -21.47 -6.86 -15.27
CA PHE A 79 -20.40 -6.57 -16.26
C PHE A 79 -20.87 -7.02 -17.65
N ILE A 80 -21.68 -8.08 -17.74
CA ILE A 80 -22.21 -8.55 -19.04
C ILE A 80 -23.30 -7.58 -19.52
N GLN A 81 -24.20 -7.15 -18.63
CA GLN A 81 -25.21 -6.13 -19.00
C GLN A 81 -24.50 -4.90 -19.56
N TYR A 82 -23.44 -4.42 -18.90
CA TYR A 82 -22.73 -3.19 -19.33
C TYR A 82 -22.08 -3.43 -20.70
N GLY A 83 -21.44 -4.58 -20.90
CA GLY A 83 -20.78 -4.90 -22.18
C GLY A 83 -21.78 -4.96 -23.33
N LEU A 84 -22.96 -5.53 -23.08
CA LEU A 84 -24.02 -5.64 -24.12
C LEU A 84 -24.56 -4.24 -24.45
N ALA A 85 -24.78 -3.39 -23.44
CA ALA A 85 -25.26 -2.00 -23.65
C ALA A 85 -24.30 -1.27 -24.60
N ALA A 86 -22.99 -1.26 -24.31
CA ALA A 86 -22.00 -0.56 -25.16
C ALA A 86 -21.99 -1.17 -26.56
N SER A 87 -22.04 -2.50 -26.68
CA SER A 87 -22.00 -3.24 -27.98
C SER A 87 -23.23 -2.87 -28.82
N PHE A 88 -24.41 -2.93 -28.22
CA PHE A 88 -25.68 -2.58 -28.94
C PHE A 88 -25.60 -1.13 -29.43
N GLN A 89 -25.11 -0.21 -28.60
CA GLN A 89 -24.93 1.22 -28.98
C GLN A 89 -24.00 1.31 -30.20
N ALA A 90 -22.85 0.64 -30.15
CA ALA A 90 -21.83 0.72 -31.23
C ALA A 90 -22.43 0.20 -32.53
N VAL A 91 -23.14 -0.92 -32.50
CA VAL A 91 -23.68 -1.55 -33.74
C VAL A 91 -24.75 -0.61 -34.32
N ARG A 92 -25.63 -0.06 -33.47
CA ARG A 92 -26.67 0.91 -33.94
C ARG A 92 -25.98 2.12 -34.56
N ASP A 93 -24.93 2.64 -33.91
CA ASP A 93 -24.16 3.84 -34.35
C ASP A 93 -23.53 3.60 -35.72
N SER A 94 -23.14 2.36 -36.04
CA SER A 94 -22.41 2.00 -37.28
C SER A 94 -23.36 1.98 -38.48
N GLY A 95 -24.66 1.75 -38.22
CA GLY A 95 -25.71 1.60 -39.25
C GLY A 95 -25.63 0.28 -39.99
N LEU A 96 -24.72 -0.62 -39.60
CA LEU A 96 -24.52 -1.92 -40.31
C LEU A 96 -25.81 -2.73 -40.25
N GLU A 97 -26.20 -3.32 -41.38
CA GLU A 97 -27.33 -4.30 -41.48
C GLU A 97 -26.73 -5.70 -41.58
N VAL A 98 -27.06 -6.56 -40.62
CA VAL A 98 -26.62 -7.99 -40.58
C VAL A 98 -27.57 -8.84 -41.44
N THR A 99 -27.03 -9.60 -42.41
CA THR A 99 -27.80 -10.44 -43.36
C THR A 99 -27.14 -11.81 -43.50
N ASP A 100 -27.78 -12.74 -44.21
CA ASP A 100 -27.21 -14.09 -44.49
C ASP A 100 -25.92 -13.91 -45.29
N ALA A 101 -25.81 -12.85 -46.10
CA ALA A 101 -24.66 -12.62 -46.99
C ALA A 101 -23.42 -12.16 -46.19
N ASN A 102 -23.58 -11.61 -44.98
CA ASN A 102 -22.42 -11.06 -44.24
C ASN A 102 -22.26 -11.59 -42.80
N ARG A 103 -23.23 -12.33 -42.24
CA ARG A 103 -23.20 -12.67 -40.78
C ARG A 103 -21.96 -13.51 -40.44
N GLU A 104 -21.43 -14.30 -41.38
CA GLU A 104 -20.20 -15.12 -41.12
C GLU A 104 -18.95 -14.23 -41.07
N ARG A 105 -19.07 -12.97 -41.51
CA ARG A 105 -17.93 -12.03 -41.66
C ARG A 105 -17.92 -10.99 -40.53
N ILE A 106 -18.85 -11.12 -39.57
CA ILE A 106 -18.96 -10.18 -38.41
C ILE A 106 -18.71 -10.95 -37.11
N GLY A 107 -17.67 -10.58 -36.36
CA GLY A 107 -17.35 -11.25 -35.08
C GLY A 107 -17.35 -10.30 -33.89
N VAL A 108 -16.96 -10.82 -32.72
CA VAL A 108 -17.02 -10.06 -31.45
C VAL A 108 -15.79 -10.44 -30.62
N SER A 109 -15.14 -9.43 -30.04
CA SER A 109 -14.07 -9.59 -29.02
C SER A 109 -14.30 -8.55 -27.92
N MET A 110 -15.15 -8.89 -26.96
CA MET A 110 -15.40 -8.06 -25.75
C MET A 110 -14.80 -8.77 -24.54
N GLY A 111 -13.94 -8.10 -23.77
CA GLY A 111 -13.25 -8.73 -22.63
C GLY A 111 -13.61 -8.11 -21.30
N SER A 112 -13.02 -8.63 -20.23
CA SER A 112 -13.17 -8.08 -18.87
C SER A 112 -11.94 -8.46 -18.06
N GLY A 113 -11.55 -7.61 -17.10
CA GLY A 113 -10.39 -7.88 -16.23
C GLY A 113 -10.72 -8.88 -15.16
N ILE A 114 -11.84 -8.68 -14.47
CA ILE A 114 -12.22 -9.46 -13.24
C ILE A 114 -13.56 -10.16 -13.45
N GLY A 115 -14.38 -9.76 -14.43
CA GLY A 115 -15.62 -10.48 -14.75
C GLY A 115 -16.64 -10.43 -13.62
N GLY A 116 -17.32 -11.55 -13.35
CA GLY A 116 -18.60 -11.56 -12.62
C GLY A 116 -18.44 -11.64 -11.11
N LEU A 117 -17.61 -10.78 -10.51
CA LEU A 117 -17.28 -10.85 -9.05
C LEU A 117 -18.54 -10.64 -8.19
N THR A 118 -19.46 -9.75 -8.60
CA THR A 118 -20.75 -9.51 -7.89
C THR A 118 -21.55 -10.82 -7.84
N ASN A 119 -21.78 -11.43 -9.00
CA ASN A 119 -22.55 -12.70 -9.10
C ASN A 119 -21.88 -13.79 -8.27
N ILE A 120 -20.55 -13.87 -8.33
CA ILE A 120 -19.78 -14.92 -7.61
C ILE A 120 -20.00 -14.71 -6.10
N GLU A 121 -19.88 -13.46 -5.65
CA GLU A 121 -20.05 -13.09 -4.21
C GLU A 121 -21.45 -13.52 -3.75
N ASN A 122 -22.50 -13.15 -4.51
CA ASN A 122 -23.92 -13.44 -4.18
C ASN A 122 -24.18 -14.95 -4.14
N ASN A 123 -23.65 -15.71 -5.09
CA ASN A 123 -23.85 -17.19 -5.14
C ASN A 123 -23.04 -17.84 -4.02
N CYS A 124 -21.88 -17.27 -3.67
CA CYS A 124 -21.02 -17.74 -2.56
C CYS A 124 -21.78 -17.61 -1.24
N ARG A 125 -22.54 -16.52 -1.06
CA ARG A 125 -23.38 -16.28 0.15
C ARG A 125 -24.43 -17.40 0.27
N SER A 126 -25.19 -17.65 -0.80
CA SER A 126 -26.21 -18.73 -0.88
C SER A 126 -25.57 -20.09 -0.52
N LEU A 127 -24.41 -20.40 -1.10
CA LEU A 127 -23.68 -21.67 -0.91
C LEU A 127 -23.33 -21.87 0.58
N PHE A 128 -22.79 -20.85 1.24
CA PHE A 128 -22.26 -20.97 2.64
C PHE A 128 -23.43 -21.05 3.62
N GLU A 129 -24.52 -20.33 3.37
CA GLU A 129 -25.68 -20.23 4.28
C GLU A 129 -26.60 -21.45 4.10
N GLN A 130 -26.82 -21.88 2.85
CA GLN A 130 -27.95 -22.79 2.48
C GLN A 130 -27.49 -24.00 1.64
N GLY A 131 -26.22 -24.11 1.27
CA GLY A 131 -25.68 -25.26 0.53
C GLY A 131 -25.81 -25.14 -0.99
N PRO A 132 -25.26 -26.09 -1.77
CA PRO A 132 -25.08 -25.93 -3.22
C PRO A 132 -26.32 -25.87 -4.09
N ARG A 133 -27.47 -26.39 -3.64
CA ARG A 133 -28.71 -26.40 -4.46
C ARG A 133 -29.35 -24.99 -4.48
N ARG A 134 -28.78 -24.02 -3.76
CA ARG A 134 -29.21 -22.59 -3.79
C ARG A 134 -28.42 -21.81 -4.85
N ILE A 135 -27.38 -22.41 -5.44
CA ILE A 135 -26.62 -21.77 -6.56
C ILE A 135 -27.54 -21.66 -7.78
N SER A 136 -27.53 -20.52 -8.47
CA SER A 136 -28.39 -20.30 -9.68
C SER A 136 -27.97 -21.24 -10.81
N PRO A 137 -28.93 -21.80 -11.57
CA PRO A 137 -28.62 -22.53 -12.81
C PRO A 137 -27.90 -21.68 -13.87
N PHE A 138 -28.03 -20.36 -13.78
CA PHE A 138 -27.39 -19.41 -14.74
C PHE A 138 -26.06 -18.90 -14.20
N PHE A 139 -25.60 -19.40 -13.04
CA PHE A 139 -24.35 -18.91 -12.38
C PHE A 139 -23.19 -18.97 -13.38
N VAL A 140 -22.95 -20.10 -14.04
CA VAL A 140 -21.79 -20.23 -14.96
C VAL A 140 -22.01 -19.37 -16.20
N PRO A 141 -23.05 -19.58 -17.05
CA PRO A 141 -23.15 -18.83 -18.30
C PRO A 141 -23.40 -17.33 -18.08
N GLY A 142 -23.96 -16.95 -16.92
CA GLY A 142 -24.21 -15.55 -16.56
C GLY A 142 -23.04 -14.86 -15.89
N SER A 143 -21.91 -15.55 -15.69
CA SER A 143 -20.74 -14.98 -14.95
C SER A 143 -19.44 -15.08 -15.75
N ILE A 144 -19.32 -16.03 -16.68
CA ILE A 144 -18.01 -16.25 -17.38
C ILE A 144 -17.77 -15.09 -18.36
N ILE A 145 -16.51 -14.74 -18.52
CA ILE A 145 -16.12 -13.47 -19.19
C ILE A 145 -16.52 -13.50 -20.67
N ASN A 146 -16.54 -14.67 -21.33
CA ASN A 146 -16.79 -14.74 -22.80
C ASN A 146 -18.27 -14.60 -23.13
N MET A 147 -19.15 -14.40 -22.14
CA MET A 147 -20.60 -14.35 -22.42
C MET A 147 -21.05 -12.96 -22.89
N VAL A 148 -20.22 -11.91 -22.85
CA VAL A 148 -20.57 -10.68 -23.59
C VAL A 148 -20.50 -11.00 -25.09
N SER A 149 -19.38 -11.55 -25.55
CA SER A 149 -19.21 -12.00 -26.95
C SER A 149 -20.30 -13.03 -27.32
N GLY A 150 -20.56 -13.99 -26.42
CA GLY A 150 -21.56 -15.05 -26.65
C GLY A 150 -22.96 -14.47 -26.83
N PHE A 151 -23.45 -13.72 -25.84
CA PHE A 151 -24.83 -13.17 -25.85
C PHE A 151 -24.98 -12.15 -26.98
N LEU A 152 -23.96 -11.33 -27.27
CA LEU A 152 -24.07 -10.35 -28.40
C LEU A 152 -24.25 -11.14 -29.68
N SER A 153 -23.44 -12.17 -29.90
CA SER A 153 -23.47 -12.95 -31.15
C SER A 153 -24.86 -13.57 -31.32
N ILE A 154 -25.47 -14.09 -30.24
CA ILE A 154 -26.79 -14.76 -30.30
C ILE A 154 -27.86 -13.72 -30.63
N HIS A 155 -27.84 -12.57 -29.95
CA HIS A 155 -28.85 -11.48 -30.10
C HIS A 155 -28.84 -10.92 -31.53
N LEU A 156 -27.67 -10.77 -32.15
CA LEU A 156 -27.54 -10.07 -33.46
C LEU A 156 -27.27 -11.06 -34.61
N GLY A 157 -27.09 -12.36 -34.31
CA GLY A 157 -26.80 -13.40 -35.31
C GLY A 157 -25.41 -13.27 -35.94
N LEU A 158 -24.38 -12.94 -35.15
CA LEU A 158 -22.98 -12.73 -35.62
C LEU A 158 -22.25 -14.07 -35.57
N GLN A 159 -21.72 -14.53 -36.69
CA GLN A 159 -21.15 -15.91 -36.79
C GLN A 159 -19.64 -15.88 -37.05
N GLY A 160 -19.03 -14.69 -37.05
CA GLY A 160 -17.57 -14.52 -37.23
C GLY A 160 -16.78 -14.92 -35.99
N PRO A 161 -15.46 -14.65 -35.97
CA PRO A 161 -14.61 -14.97 -34.82
C PRO A 161 -15.24 -14.44 -33.53
N ASN A 162 -15.22 -15.26 -32.49
CA ASN A 162 -15.97 -15.02 -31.24
C ASN A 162 -15.06 -15.37 -30.06
N TYR A 163 -14.54 -14.38 -29.34
CA TYR A 163 -13.59 -14.66 -28.24
C TYR A 163 -13.57 -13.51 -27.23
N ALA A 164 -12.78 -13.67 -26.17
CA ALA A 164 -12.68 -12.70 -25.07
C ALA A 164 -11.26 -12.71 -24.49
N LEU A 165 -10.69 -11.52 -24.31
CA LEU A 165 -9.42 -11.26 -23.61
C LEU A 165 -9.69 -11.00 -22.12
N THR A 166 -8.71 -11.33 -21.27
CA THR A 166 -8.70 -10.93 -19.85
C THR A 166 -7.25 -10.58 -19.49
N THR A 167 -6.89 -9.31 -19.56
CA THR A 167 -5.50 -8.83 -19.31
C THR A 167 -5.52 -7.61 -18.41
N ALA A 168 -6.34 -7.65 -17.35
CA ALA A 168 -6.41 -6.60 -16.32
C ALA A 168 -6.63 -5.25 -17.02
N ALA A 169 -5.85 -4.21 -16.72
CA ALA A 169 -6.03 -2.86 -17.27
C ALA A 169 -5.78 -2.83 -18.78
N THR A 170 -5.16 -3.86 -19.39
CA THR A 170 -4.83 -3.85 -20.83
C THR A 170 -5.96 -4.50 -21.67
N THR A 171 -6.97 -5.05 -21.01
CA THR A 171 -8.02 -5.89 -21.68
C THR A 171 -8.63 -5.18 -22.89
N GLY A 172 -9.13 -3.96 -22.70
CA GLY A 172 -9.84 -3.25 -23.79
C GLY A 172 -8.93 -2.97 -24.97
N THR A 173 -7.66 -2.66 -24.68
CA THR A 173 -6.64 -2.32 -25.70
C THR A 173 -6.30 -3.59 -26.51
N HIS A 174 -6.01 -4.71 -25.83
CA HIS A 174 -5.74 -6.00 -26.50
C HIS A 174 -6.97 -6.43 -27.31
N SER A 175 -8.18 -6.26 -26.77
CA SER A 175 -9.42 -6.71 -27.43
C SER A 175 -9.56 -5.99 -28.77
N ILE A 176 -9.36 -4.68 -28.78
CA ILE A 176 -9.49 -3.85 -30.02
C ILE A 176 -8.34 -4.18 -30.99
N GLY A 177 -7.10 -4.27 -30.51
CA GLY A 177 -5.94 -4.55 -31.38
C GLY A 177 -6.06 -5.91 -32.05
N MET A 178 -6.46 -6.93 -31.32
CA MET A 178 -6.54 -8.31 -31.88
C MET A 178 -7.74 -8.44 -32.83
N ALA A 179 -8.85 -7.75 -32.55
CA ALA A 179 -10.00 -7.67 -33.48
C ALA A 179 -9.55 -7.01 -34.78
N ALA A 180 -8.73 -5.96 -34.71
CA ALA A 180 -8.21 -5.27 -35.91
C ALA A 180 -7.35 -6.24 -36.74
N ARG A 181 -6.52 -7.06 -36.07
CA ARG A 181 -5.72 -8.11 -36.74
C ARG A 181 -6.63 -9.09 -37.49
N ASN A 182 -7.76 -9.51 -36.91
CA ASN A 182 -8.69 -10.44 -37.60
C ASN A 182 -9.12 -9.85 -38.94
N ILE A 183 -9.46 -8.55 -38.96
CA ILE A 183 -9.94 -7.86 -40.19
C ILE A 183 -8.78 -7.70 -41.17
N ALA A 184 -7.62 -7.24 -40.70
CA ALA A 184 -6.38 -7.06 -41.51
C ALA A 184 -6.03 -8.34 -42.27
N TYR A 185 -6.17 -9.50 -41.62
CA TYR A 185 -5.69 -10.83 -42.11
C TYR A 185 -6.81 -11.52 -42.90
N GLY A 186 -8.02 -10.97 -42.93
CA GLY A 186 -9.14 -11.44 -43.77
C GLY A 186 -10.05 -12.47 -43.09
N GLU A 187 -9.93 -12.71 -41.78
CA GLU A 187 -10.83 -13.70 -41.12
C GLU A 187 -12.14 -13.02 -40.67
N ALA A 188 -12.26 -11.70 -40.82
CA ALA A 188 -13.55 -10.99 -40.63
C ALA A 188 -13.52 -9.70 -41.43
N ASP A 189 -14.69 -9.16 -41.76
CA ASP A 189 -14.84 -7.81 -42.39
C ASP A 189 -15.25 -6.79 -41.32
N VAL A 190 -15.90 -7.24 -40.24
CA VAL A 190 -16.41 -6.35 -39.14
C VAL A 190 -16.12 -7.06 -37.82
N MET A 191 -15.69 -6.33 -36.80
CA MET A 191 -15.61 -6.87 -35.42
C MET A 191 -16.18 -5.83 -34.44
N VAL A 192 -16.95 -6.29 -33.46
CA VAL A 192 -17.36 -5.46 -32.29
C VAL A 192 -16.35 -5.77 -31.18
N ALA A 193 -15.59 -4.78 -30.72
CA ALA A 193 -14.45 -5.04 -29.80
C ALA A 193 -14.41 -3.99 -28.69
N GLY A 194 -13.95 -4.40 -27.51
CA GLY A 194 -13.83 -3.52 -26.34
C GLY A 194 -13.84 -4.31 -25.05
N GLY A 195 -14.40 -3.71 -24.01
CA GLY A 195 -14.40 -4.35 -22.68
C GLY A 195 -15.42 -3.79 -21.74
N SER A 196 -15.64 -4.49 -20.62
CA SER A 196 -16.60 -4.07 -19.58
C SER A 196 -16.13 -4.52 -18.21
N GLU A 197 -16.58 -3.82 -17.18
CA GLU A 197 -16.13 -4.07 -15.80
C GLU A 197 -17.19 -3.60 -14.81
N MET A 198 -17.43 -4.43 -13.80
CA MET A 198 -18.21 -4.06 -12.58
CA MET A 198 -18.19 -4.03 -12.57
C MET A 198 -17.60 -4.83 -11.41
N ALA A 199 -16.53 -4.29 -10.84
CA ALA A 199 -15.76 -4.91 -9.74
C ALA A 199 -16.10 -4.26 -8.40
N ALA A 200 -17.05 -3.32 -8.35
CA ALA A 200 -17.42 -2.60 -7.11
C ALA A 200 -18.36 -3.48 -6.27
N CYS A 201 -17.81 -4.54 -5.72
CA CYS A 201 -18.46 -5.37 -4.67
C CYS A 201 -17.47 -5.45 -3.51
N GLY A 202 -17.88 -6.06 -2.39
CA GLY A 202 -17.01 -6.25 -1.22
C GLY A 202 -15.66 -6.84 -1.61
N LEU A 203 -15.67 -7.88 -2.44
CA LEU A 203 -14.40 -8.56 -2.86
C LEU A 203 -13.53 -7.63 -3.71
N GLY A 204 -14.14 -6.79 -4.55
CA GLY A 204 -13.40 -5.86 -5.43
C GLY A 204 -12.75 -4.72 -4.66
N LEU A 205 -13.54 -3.89 -3.97
CA LEU A 205 -13.01 -2.79 -3.13
C LEU A 205 -12.11 -3.37 -2.03
N GLY A 206 -12.54 -4.46 -1.41
CA GLY A 206 -11.76 -5.15 -0.35
C GLY A 206 -10.45 -5.70 -0.89
N GLY A 207 -10.48 -6.35 -2.06
CA GLY A 207 -9.29 -6.95 -2.69
C GLY A 207 -8.26 -5.90 -3.09
N PHE A 208 -8.69 -4.86 -3.80
CA PHE A 208 -7.76 -3.79 -4.24
C PHE A 208 -7.28 -2.98 -3.02
N GLY A 209 -8.15 -2.79 -2.03
CA GLY A 209 -7.83 -2.18 -0.74
C GLY A 209 -6.76 -2.95 0.01
N ALA A 210 -6.90 -4.27 0.09
CA ALA A 210 -5.95 -5.18 0.79
C ALA A 210 -4.57 -5.09 0.15
N ALA A 211 -4.49 -4.89 -1.18
CA ALA A 211 -3.23 -4.68 -1.93
C ALA A 211 -2.74 -3.24 -1.79
N ARG A 212 -3.46 -2.39 -1.04
CA ARG A 212 -3.20 -0.92 -0.87
C ARG A 212 -3.00 -0.26 -2.24
N ALA A 213 -3.81 -0.62 -3.25
CA ALA A 213 -3.71 -0.11 -4.63
C ALA A 213 -4.57 1.16 -4.80
N LEU A 214 -5.52 1.41 -3.91
CA LEU A 214 -6.55 2.46 -4.10
C LEU A 214 -6.20 3.76 -3.33
N SER A 215 -6.52 4.90 -3.92
CA SER A 215 -6.61 6.18 -3.18
C SER A 215 -7.54 6.02 -1.97
N THR A 216 -7.20 6.65 -0.84
CA THR A 216 -8.04 6.66 0.38
C THR A 216 -8.50 8.09 0.70
N ARG A 217 -8.60 8.96 -0.31
CA ARG A 217 -9.00 10.39 -0.13
C ARG A 217 -10.53 10.51 -0.06
N ASN A 218 -11.13 9.93 0.99
CA ASN A 218 -12.59 9.83 1.16
C ASN A 218 -13.21 11.21 1.39
N ASP A 219 -12.43 12.16 1.93
CA ASP A 219 -12.91 13.53 2.22
C ASP A 219 -13.12 14.35 0.94
N GLU A 220 -12.43 14.02 -0.16
CA GLU A 220 -12.53 14.79 -1.43
C GLU A 220 -12.48 13.82 -2.61
N PRO A 221 -13.50 12.96 -2.81
CA PRO A 221 -13.45 11.93 -3.86
C PRO A 221 -13.14 12.48 -5.26
N THR A 222 -13.64 13.67 -5.63
CA THR A 222 -13.45 14.20 -7.02
C THR A 222 -11.99 14.63 -7.21
N ARG A 223 -11.21 14.76 -6.12
CA ARG A 223 -9.78 15.18 -6.17
C ARG A 223 -8.85 13.97 -6.01
N ALA A 224 -9.38 12.75 -5.83
CA ALA A 224 -8.58 11.55 -5.47
C ALA A 224 -7.71 11.13 -6.66
N SER A 225 -8.31 11.09 -7.86
CA SER A 225 -7.60 10.68 -9.10
C SER A 225 -6.80 11.87 -9.62
N ARG A 226 -5.47 11.86 -9.44
CA ARG A 226 -4.62 13.04 -9.74
C ARG A 226 -3.33 12.58 -10.39
N PRO A 227 -3.41 12.03 -11.63
CA PRO A 227 -2.22 11.52 -12.30
C PRO A 227 -1.10 12.56 -12.41
N TRP A 228 0.12 12.13 -12.07
CA TRP A 228 1.40 12.89 -12.11
C TRP A 228 1.47 13.97 -11.03
N ASP A 229 0.45 14.08 -10.17
CA ASP A 229 0.46 15.07 -9.05
C ASP A 229 1.27 14.51 -7.88
N ARG A 230 2.06 15.36 -7.22
CA ARG A 230 2.97 14.89 -6.15
C ARG A 230 2.18 14.27 -4.97
N ASP A 231 0.87 14.55 -4.81
CA ASP A 231 0.06 14.03 -3.66
C ASP A 231 -0.81 12.84 -4.06
N ARG A 232 -0.61 12.26 -5.25
CA ARG A 232 -1.35 11.03 -5.68
C ARG A 232 -1.07 9.89 -4.69
N ASP A 233 -2.06 9.00 -4.48
CA ASP A 233 -1.99 7.93 -3.45
C ASP A 233 -2.72 6.67 -3.93
N GLY A 234 -2.76 6.41 -5.24
CA GLY A 234 -3.34 5.18 -5.80
C GLY A 234 -4.55 5.45 -6.68
N PHE A 235 -5.05 4.41 -7.36
CA PHE A 235 -6.08 4.61 -8.41
C PHE A 235 -7.48 4.64 -7.77
N VAL A 236 -8.45 5.08 -8.57
CA VAL A 236 -9.89 5.13 -8.19
C VAL A 236 -10.59 4.05 -9.02
N LEU A 237 -11.30 3.13 -8.37
CA LEU A 237 -11.99 2.00 -9.03
C LEU A 237 -13.28 2.52 -9.67
N SER A 238 -13.47 2.21 -10.95
CA SER A 238 -14.62 2.66 -11.75
C SER A 238 -15.20 1.53 -12.58
N ASP A 239 -16.47 1.73 -12.97
CA ASP A 239 -17.23 0.71 -13.70
C ASP A 239 -17.73 1.24 -15.03
N GLY A 240 -18.01 0.33 -15.97
CA GLY A 240 -18.62 0.71 -17.25
C GLY A 240 -18.14 -0.16 -18.37
N SER A 241 -18.17 0.37 -19.58
CA SER A 241 -17.96 -0.42 -20.81
C SER A 241 -17.67 0.49 -21.99
N GLY A 242 -16.91 -0.01 -22.94
CA GLY A 242 -16.70 0.66 -24.23
C GLY A 242 -16.73 -0.38 -25.33
N ALA A 243 -17.32 -0.07 -26.48
CA ALA A 243 -17.32 -0.96 -27.65
C ALA A 243 -17.12 -0.12 -28.91
N LEU A 244 -16.35 -0.65 -29.85
CA LEU A 244 -16.13 -0.02 -31.18
C LEU A 244 -16.53 -1.03 -32.25
N VAL A 245 -17.14 -0.54 -33.33
CA VAL A 245 -17.29 -1.33 -34.57
C VAL A 245 -16.08 -1.01 -35.45
N LEU A 246 -15.20 -2.02 -35.59
CA LEU A 246 -14.04 -2.03 -36.49
C LEU A 246 -14.49 -2.63 -37.82
N GLU A 247 -14.05 -2.05 -38.94
CA GLU A 247 -14.57 -2.44 -40.27
C GLU A 247 -13.46 -2.30 -41.31
N GLU A 248 -13.36 -3.25 -42.24
CA GLU A 248 -12.42 -3.14 -43.38
C GLU A 248 -12.80 -1.88 -44.20
N LEU A 249 -11.81 -1.14 -44.67
CA LEU A 249 -12.02 0.20 -45.30
C LEU A 249 -12.94 0.09 -46.53
N GLU A 250 -12.66 -0.81 -47.47
CA GLU A 250 -13.46 -0.92 -48.71
C GLU A 250 -14.88 -1.35 -48.38
N HIS A 251 -15.06 -2.24 -47.39
CA HIS A 251 -16.40 -2.66 -46.89
C HIS A 251 -17.18 -1.43 -46.38
N ALA A 252 -16.53 -0.55 -45.62
CA ALA A 252 -17.13 0.67 -45.05
C ALA A 252 -17.53 1.64 -46.19
N ARG A 253 -16.59 1.90 -47.10
CA ARG A 253 -16.78 2.79 -48.29
C ARG A 253 -17.97 2.32 -49.13
N ALA A 254 -18.04 1.02 -49.40
CA ALA A 254 -19.08 0.40 -50.28
C ALA A 254 -20.49 0.69 -49.73
N ARG A 255 -20.69 0.65 -48.41
CA ARG A 255 -22.04 0.80 -47.82
C ARG A 255 -22.27 2.26 -47.40
N GLY A 256 -21.30 3.15 -47.66
CA GLY A 256 -21.40 4.59 -47.33
C GLY A 256 -21.42 4.81 -45.82
N ALA A 257 -20.61 4.07 -45.08
CA ALA A 257 -20.48 4.22 -43.62
C ALA A 257 -19.83 5.57 -43.29
N ARG A 258 -20.25 6.18 -42.18
CA ARG A 258 -19.52 7.32 -41.56
CA ARG A 258 -19.52 7.32 -41.56
C ARG A 258 -18.27 6.76 -40.86
N ILE A 259 -17.10 7.23 -41.25
CA ILE A 259 -15.80 6.78 -40.68
C ILE A 259 -15.29 7.82 -39.68
N TYR A 260 -15.04 7.42 -38.44
CA TYR A 260 -14.54 8.31 -37.36
C TYR A 260 -13.03 8.53 -37.48
N ALA A 261 -12.28 7.46 -37.75
CA ALA A 261 -10.80 7.44 -37.74
C ALA A 261 -10.31 6.10 -38.25
N GLU A 262 -9.01 5.99 -38.51
CA GLU A 262 -8.36 4.74 -38.94
C GLU A 262 -7.57 4.17 -37.76
N LEU A 263 -7.67 2.85 -37.53
CA LEU A 263 -6.79 2.14 -36.57
C LEU A 263 -5.57 1.65 -37.36
N VAL A 264 -4.42 2.31 -37.19
CA VAL A 264 -3.21 2.08 -38.04
C VAL A 264 -2.15 1.21 -37.32
N GLY A 265 -2.13 1.14 -35.99
CA GLY A 265 -1.06 0.46 -35.27
C GLY A 265 -1.55 -0.23 -34.01
N PHE A 266 -0.94 -1.38 -33.69
CA PHE A 266 -1.14 -2.13 -32.44
C PHE A 266 0.17 -2.76 -32.01
N GLY A 267 0.58 -2.49 -30.78
CA GLY A 267 1.82 -2.98 -30.19
C GLY A 267 1.57 -3.62 -28.84
N MET A 268 2.40 -4.62 -28.52
CA MET A 268 2.37 -5.35 -27.24
C MET A 268 3.80 -5.52 -26.71
N SER A 269 3.93 -5.67 -25.40
CA SER A 269 5.18 -6.09 -24.73
C SER A 269 4.84 -6.65 -23.36
N GLY A 270 5.81 -7.32 -22.73
CA GLY A 270 5.79 -7.62 -21.29
C GLY A 270 6.98 -7.00 -20.60
N ASP A 271 6.76 -6.42 -19.42
CA ASP A 271 7.84 -5.86 -18.57
C ASP A 271 8.79 -7.00 -18.11
N ALA A 272 8.22 -8.17 -17.79
CA ALA A 272 8.95 -9.28 -17.13
C ALA A 272 9.73 -8.74 -15.92
N PHE A 273 9.08 -7.96 -15.06
CA PHE A 273 9.73 -7.24 -13.95
C PHE A 273 9.11 -7.62 -12.59
N HIS A 274 7.82 -7.38 -12.38
CA HIS A 274 7.13 -7.54 -11.06
C HIS A 274 5.62 -7.70 -11.26
N MET A 275 4.92 -8.32 -10.30
CA MET A 275 3.48 -8.67 -10.43
C MET A 275 2.60 -7.41 -10.48
N THR A 276 2.96 -6.30 -9.82
CA THR A 276 2.13 -5.06 -9.73
C THR A 276 2.92 -3.77 -10.01
N ALA A 277 4.24 -3.77 -9.86
CA ALA A 277 5.11 -2.57 -10.02
C ALA A 277 5.77 -2.59 -11.40
N PRO A 278 5.85 -1.43 -12.10
CA PRO A 278 6.62 -1.34 -13.33
C PRO A 278 8.09 -1.09 -13.04
N PRO A 279 8.99 -1.30 -14.03
CA PRO A 279 10.37 -0.84 -13.90
C PRO A 279 10.35 0.71 -13.85
N GLU A 280 11.23 1.31 -13.04
CA GLU A 280 11.24 2.79 -12.79
C GLU A 280 11.38 3.57 -14.11
N ASP A 281 12.07 3.03 -15.12
CA ASP A 281 12.32 3.70 -16.41
C ASP A 281 11.23 3.37 -17.43
N GLY A 282 10.24 2.54 -17.05
CA GLY A 282 9.13 2.15 -17.95
C GLY A 282 9.64 1.54 -19.26
N ALA A 283 10.72 0.77 -19.22
CA ALA A 283 11.32 0.16 -20.43
C ALA A 283 10.28 -0.68 -21.19
N GLY A 284 9.42 -1.42 -20.50
CA GLY A 284 8.37 -2.23 -21.16
C GLY A 284 7.39 -1.36 -21.95
N ALA A 285 6.93 -0.27 -21.35
CA ALA A 285 6.01 0.70 -21.99
C ALA A 285 6.67 1.32 -23.23
N ALA A 286 7.96 1.62 -23.15
CA ALA A 286 8.73 2.19 -24.27
C ALA A 286 8.76 1.19 -25.43
N ARG A 287 9.07 -0.09 -25.16
CA ARG A 287 9.11 -1.13 -26.22
C ARG A 287 7.73 -1.24 -26.87
N CYS A 288 6.67 -1.21 -26.05
CA CYS A 288 5.29 -1.38 -26.53
C CYS A 288 4.91 -0.21 -27.46
N MET A 289 5.18 1.03 -27.07
CA MET A 289 4.85 2.21 -27.92
C MET A 289 5.65 2.12 -29.23
N LYS A 290 6.94 1.77 -29.17
CA LYS A 290 7.76 1.65 -30.41
C LYS A 290 7.18 0.54 -31.31
N ASN A 291 6.76 -0.57 -30.72
CA ASN A 291 6.15 -1.68 -31.49
C ASN A 291 4.89 -1.18 -32.21
N ALA A 292 4.05 -0.39 -31.54
CA ALA A 292 2.80 0.12 -32.15
C ALA A 292 3.12 1.10 -33.30
N LEU A 293 4.08 2.01 -33.09
CA LEU A 293 4.49 3.00 -34.13
C LEU A 293 5.11 2.26 -35.33
N ARG A 294 5.95 1.25 -35.09
CA ARG A 294 6.54 0.41 -36.17
C ARG A 294 5.41 -0.29 -36.94
N ASP A 295 4.40 -0.83 -36.24
CA ASP A 295 3.23 -1.47 -36.88
C ASP A 295 2.48 -0.48 -37.78
N ALA A 296 2.38 0.79 -37.38
CA ALA A 296 1.64 1.86 -38.09
C ALA A 296 2.50 2.46 -39.20
N GLY A 297 3.80 2.15 -39.24
CA GLY A 297 4.74 2.78 -40.18
C GLY A 297 4.87 4.27 -39.91
N LEU A 298 4.86 4.66 -38.64
CA LEU A 298 4.98 6.07 -38.19
C LEU A 298 6.26 6.27 -37.40
N ASP A 299 6.87 7.45 -37.54
CA ASP A 299 7.99 7.90 -36.69
C ASP A 299 7.39 8.54 -35.44
N PRO A 300 8.05 8.43 -34.26
CA PRO A 300 7.59 9.11 -33.05
C PRO A 300 7.22 10.58 -33.26
N ARG A 301 7.94 11.30 -34.14
CA ARG A 301 7.69 12.75 -34.35
C ARG A 301 6.32 13.01 -34.99
N GLN A 302 5.63 11.98 -35.50
CA GLN A 302 4.29 12.14 -36.11
C GLN A 302 3.16 12.05 -35.06
N VAL A 303 3.47 11.73 -33.81
CA VAL A 303 2.42 11.60 -32.74
C VAL A 303 2.08 12.99 -32.21
N ASP A 304 0.79 13.32 -32.16
CA ASP A 304 0.30 14.64 -31.65
C ASP A 304 -0.31 14.51 -30.24
N TYR A 305 -1.01 13.41 -29.94
CA TYR A 305 -1.75 13.25 -28.67
C TYR A 305 -1.52 11.83 -28.13
N ILE A 306 -1.24 11.71 -26.84
CA ILE A 306 -1.24 10.40 -26.10
C ILE A 306 -2.32 10.43 -25.03
N ASN A 307 -3.25 9.47 -25.11
CA ASN A 307 -4.15 9.15 -23.97
C ASN A 307 -3.39 8.15 -23.10
N ALA A 308 -2.89 8.62 -21.96
CA ALA A 308 -1.96 7.89 -21.07
C ALA A 308 -2.71 6.75 -20.37
N HIS A 309 -1.96 5.79 -19.88
CA HIS A 309 -2.47 4.88 -18.83
C HIS A 309 -2.79 5.67 -17.55
N GLY A 310 -1.80 6.38 -17.02
CA GLY A 310 -1.98 7.47 -16.04
C GLY A 310 -3.00 7.15 -14.95
N THR A 311 -2.72 6.17 -14.10
CA THR A 311 -3.74 5.65 -13.14
C THR A 311 -3.74 6.38 -11.81
N SER A 312 -2.77 7.26 -11.58
CA SER A 312 -2.63 8.02 -10.31
C SER A 312 -1.93 7.17 -9.25
N THR A 313 -1.00 6.30 -9.67
CA THR A 313 -0.16 5.49 -8.75
C THR A 313 1.22 6.14 -8.62
N PRO A 314 1.87 6.07 -7.44
CA PRO A 314 3.22 6.63 -7.29
C PRO A 314 4.22 6.13 -8.36
N ALA A 315 4.42 4.82 -8.48
CA ALA A 315 5.44 4.22 -9.38
C ALA A 315 4.99 4.31 -10.84
N GLY A 316 3.71 4.03 -11.12
CA GLY A 316 3.20 3.91 -12.49
C GLY A 316 3.30 5.21 -13.26
N ASP A 317 2.84 6.32 -12.68
CA ASP A 317 2.71 7.58 -13.45
C ASP A 317 4.12 8.03 -13.91
N ILE A 318 5.11 7.94 -13.03
CA ILE A 318 6.48 8.45 -13.34
C ILE A 318 7.18 7.49 -14.32
N ALA A 319 6.91 6.18 -14.27
CA ALA A 319 7.44 5.22 -15.27
C ALA A 319 6.93 5.59 -16.67
N GLU A 320 5.67 6.01 -16.80
CA GLU A 320 5.08 6.33 -18.13
C GLU A 320 5.76 7.58 -18.70
N ILE A 321 6.02 8.59 -17.86
CA ILE A 321 6.79 9.80 -18.27
C ILE A 321 8.16 9.37 -18.81
N ALA A 322 8.87 8.53 -18.06
CA ALA A 322 10.22 8.06 -18.45
C ALA A 322 10.13 7.40 -19.84
N ALA A 323 9.13 6.55 -20.06
CA ALA A 323 8.95 5.80 -21.33
C ALA A 323 8.68 6.77 -22.47
N VAL A 324 7.82 7.77 -22.26
CA VAL A 324 7.47 8.77 -23.29
C VAL A 324 8.71 9.61 -23.63
N LYS A 325 9.51 9.99 -22.63
CA LYS A 325 10.77 10.75 -22.88
C LYS A 325 11.74 9.88 -23.69
N SER A 326 11.84 8.59 -23.38
CA SER A 326 12.78 7.65 -24.06
CA SER A 326 12.78 7.65 -24.06
C SER A 326 12.38 7.50 -25.53
N VAL A 327 11.08 7.30 -25.81
CA VAL A 327 10.57 7.02 -27.18
C VAL A 327 10.61 8.29 -28.03
N PHE A 328 10.18 9.44 -27.48
CA PHE A 328 9.84 10.64 -28.28
C PHE A 328 10.98 11.66 -28.28
N GLY A 329 11.95 11.53 -27.38
CA GLY A 329 13.09 12.48 -27.29
C GLY A 329 12.61 13.92 -27.18
N GLU A 330 13.17 14.82 -28.00
CA GLU A 330 12.82 16.27 -27.93
C GLU A 330 11.33 16.46 -28.26
N HIS A 331 10.77 15.62 -29.14
CA HIS A 331 9.35 15.69 -29.56
C HIS A 331 8.41 15.42 -28.36
N ALA A 332 8.90 14.82 -27.28
CA ALA A 332 8.11 14.58 -26.05
C ALA A 332 7.55 15.91 -25.54
N HIS A 333 8.22 17.04 -25.83
CA HIS A 333 7.80 18.40 -25.39
C HIS A 333 6.90 19.09 -26.42
N ALA A 334 6.62 18.47 -27.57
CA ALA A 334 5.73 19.02 -28.63
C ALA A 334 4.35 18.36 -28.61
N LEU A 335 4.28 17.04 -28.36
CA LEU A 335 2.99 16.32 -28.26
C LEU A 335 2.28 16.75 -26.97
N SER A 336 0.99 16.46 -26.90
CA SER A 336 0.15 16.61 -25.69
C SER A 336 -0.17 15.21 -25.16
N MET A 337 -0.05 15.00 -23.84
CA MET A 337 -0.40 13.71 -23.21
C MET A 337 -1.35 14.01 -22.05
N SER A 338 -2.48 13.30 -21.94
CA SER A 338 -3.37 13.50 -20.77
C SER A 338 -3.90 12.16 -20.29
N SER A 339 -4.26 12.13 -19.01
CA SER A 339 -4.97 10.97 -18.43
C SER A 339 -6.42 11.36 -18.17
N THR A 340 -7.33 10.77 -18.94
CA THR A 340 -8.78 10.93 -18.72
C THR A 340 -9.23 10.18 -17.46
N LYS A 341 -8.38 9.32 -16.88
CA LYS A 341 -8.71 8.65 -15.59
C LYS A 341 -8.78 9.70 -14.48
N SER A 342 -8.20 10.88 -14.68
CA SER A 342 -8.34 12.02 -13.75
C SER A 342 -9.82 12.31 -13.50
N MET A 343 -10.67 12.09 -14.52
CA MET A 343 -12.14 12.34 -14.50
C MET A 343 -12.93 11.04 -14.33
N THR A 344 -12.56 9.96 -15.04
CA THR A 344 -13.38 8.72 -15.09
C THR A 344 -13.01 7.74 -13.97
N GLY A 345 -11.81 7.89 -13.40
CA GLY A 345 -11.16 6.82 -12.62
C GLY A 345 -10.76 5.66 -13.52
N HIS A 346 -10.40 4.55 -12.91
CA HIS A 346 -9.79 3.38 -13.61
C HIS A 346 -10.84 2.30 -13.84
N LEU A 347 -11.33 2.15 -15.09
CA LEU A 347 -12.39 1.17 -15.44
C LEU A 347 -11.78 -0.22 -15.70
N LEU A 348 -10.50 -0.42 -15.36
CA LEU A 348 -9.82 -1.74 -15.44
CA LEU A 348 -9.83 -1.76 -15.44
C LEU A 348 -10.02 -2.34 -16.85
N GLY A 349 -10.75 -3.45 -17.00
CA GLY A 349 -10.93 -4.13 -18.30
C GLY A 349 -11.62 -3.27 -19.35
N ALA A 350 -12.37 -2.25 -18.94
CA ALA A 350 -13.04 -1.30 -19.87
C ALA A 350 -12.17 -0.06 -20.14
N ALA A 351 -11.12 0.19 -19.35
CA ALA A 351 -10.30 1.42 -19.48
C ALA A 351 -9.81 1.61 -20.92
N GLY A 352 -9.24 0.56 -21.51
CA GLY A 352 -8.66 0.67 -22.87
C GLY A 352 -9.72 0.93 -23.93
N ALA A 353 -10.95 0.46 -23.69
CA ALA A 353 -12.07 0.62 -24.64
C ALA A 353 -12.58 2.06 -24.58
N VAL A 354 -12.86 2.57 -23.38
CA VAL A 354 -13.38 3.96 -23.29
C VAL A 354 -12.27 4.93 -23.72
N GLU A 355 -11.00 4.63 -23.45
CA GLU A 355 -9.89 5.54 -23.79
C GLU A 355 -9.59 5.49 -25.30
N ALA A 356 -9.84 4.37 -25.97
CA ALA A 356 -9.77 4.30 -27.45
C ALA A 356 -10.82 5.25 -28.02
N ILE A 357 -12.04 5.21 -27.48
CA ILE A 357 -13.14 6.10 -27.94
C ILE A 357 -12.71 7.56 -27.72
N PHE A 358 -12.16 7.91 -26.54
CA PHE A 358 -11.71 9.30 -26.27
C PHE A 358 -10.61 9.71 -27.24
N SER A 359 -9.71 8.79 -27.63
CA SER A 359 -8.61 9.07 -28.59
C SER A 359 -9.19 9.35 -29.97
N VAL A 360 -10.20 8.60 -30.40
CA VAL A 360 -10.90 8.77 -31.70
C VAL A 360 -11.63 10.12 -31.70
N LEU A 361 -12.28 10.48 -30.58
CA LEU A 361 -13.03 11.77 -30.52
C LEU A 361 -12.05 12.95 -30.45
N ALA A 362 -10.86 12.78 -29.86
CA ALA A 362 -9.80 13.82 -29.88
C ALA A 362 -9.43 14.11 -31.35
N LEU A 363 -9.39 13.09 -32.20
CA LEU A 363 -9.10 13.25 -33.65
C LEU A 363 -10.30 13.95 -34.32
N ARG A 364 -11.54 13.54 -34.01
CA ARG A 364 -12.75 14.12 -34.66
C ARG A 364 -12.80 15.61 -34.34
N ASP A 365 -12.56 15.97 -33.07
CA ASP A 365 -12.89 17.33 -32.55
C ASP A 365 -11.63 18.20 -32.46
N GLN A 366 -10.44 17.66 -32.75
CA GLN A 366 -9.15 18.40 -32.69
C GLN A 366 -9.01 19.07 -31.32
N VAL A 367 -9.10 18.27 -30.27
CA VAL A 367 -8.99 18.77 -28.87
C VAL A 367 -8.36 17.68 -28.01
N ALA A 368 -7.37 18.05 -27.22
CA ALA A 368 -6.74 17.18 -26.17
C ALA A 368 -7.57 17.32 -24.90
N PRO A 369 -8.18 16.22 -24.39
CA PRO A 369 -8.87 16.25 -23.10
C PRO A 369 -7.92 16.60 -21.97
N PRO A 370 -8.40 17.22 -20.88
CA PRO A 370 -7.53 17.60 -19.77
C PRO A 370 -7.09 16.44 -18.85
N THR A 371 -5.98 16.64 -18.15
CA THR A 371 -5.67 15.92 -16.88
C THR A 371 -6.14 16.84 -15.76
N ILE A 372 -7.33 16.60 -15.20
CA ILE A 372 -7.79 17.44 -14.05
C ILE A 372 -7.00 17.03 -12.80
N ASN A 373 -7.01 17.90 -11.78
CA ASN A 373 -6.39 17.70 -10.45
C ASN A 373 -4.85 17.76 -10.49
N LEU A 374 -4.24 18.15 -11.62
CA LEU A 374 -2.76 18.22 -11.74
C LEU A 374 -2.27 19.55 -11.16
N ASP A 375 -2.36 19.68 -9.83
CA ASP A 375 -2.11 20.93 -9.08
C ASP A 375 -0.60 21.16 -8.98
N ASN A 376 0.15 20.11 -8.65
CA ASN A 376 1.61 20.17 -8.38
C ASN A 376 2.29 18.99 -9.06
N PRO A 377 2.65 19.12 -10.36
CA PRO A 377 3.35 18.06 -11.07
C PRO A 377 4.60 17.60 -10.32
N ASP A 378 4.80 16.28 -10.25
CA ASP A 378 5.92 15.66 -9.50
C ASP A 378 7.23 15.90 -10.27
N GLU A 379 8.35 15.57 -9.63
CA GLU A 379 9.74 15.64 -10.20
C GLU A 379 9.73 14.98 -11.58
N GLY A 380 10.17 15.70 -12.61
CA GLY A 380 10.36 15.17 -13.97
C GLY A 380 9.09 15.14 -14.79
N CYS A 381 7.94 15.53 -14.21
CA CYS A 381 6.61 15.49 -14.90
C CYS A 381 6.38 16.83 -15.59
N ASP A 382 7.25 17.18 -16.55
CA ASP A 382 7.38 18.54 -17.11
C ASP A 382 7.00 18.57 -18.59
N LEU A 383 6.23 17.59 -19.07
CA LEU A 383 5.66 17.58 -20.44
C LEU A 383 4.37 18.40 -20.46
N ASP A 384 3.77 18.57 -21.64
CA ASP A 384 2.40 19.14 -21.78
C ASP A 384 1.41 18.04 -21.40
N LEU A 385 0.99 18.03 -20.13
CA LEU A 385 0.05 17.00 -19.57
C LEU A 385 -1.38 17.58 -19.57
N VAL A 386 -1.61 18.67 -20.29
CA VAL A 386 -2.95 19.28 -20.53
C VAL A 386 -3.62 19.49 -19.16
N ALA A 387 -2.90 20.06 -18.21
CA ALA A 387 -3.39 20.26 -16.82
C ALA A 387 -4.69 21.07 -16.84
N HIS A 388 -5.66 20.62 -16.04
CA HIS A 388 -6.90 21.38 -15.71
C HIS A 388 -7.94 21.63 -16.80
N GLU A 389 -7.53 21.99 -17.99
CA GLU A 389 -8.49 22.48 -19.04
C GLU A 389 -8.19 21.84 -20.40
N ALA A 390 -9.24 21.48 -21.16
CA ALA A 390 -9.15 20.93 -22.52
C ALA A 390 -8.36 21.90 -23.41
N LYS A 391 -7.56 21.38 -24.34
CA LYS A 391 -6.73 22.21 -25.24
C LYS A 391 -7.01 21.87 -26.69
N PRO A 392 -7.80 22.71 -27.40
CA PRO A 392 -7.88 22.64 -28.85
C PRO A 392 -6.49 22.72 -29.47
N ARG A 393 -6.18 21.81 -30.41
CA ARG A 393 -4.86 21.75 -31.09
C ARG A 393 -4.96 20.82 -32.29
N LYS A 394 -3.94 20.84 -33.15
CA LYS A 394 -3.85 19.95 -34.33
C LYS A 394 -3.56 18.53 -33.84
N ILE A 395 -4.41 17.56 -34.18
CA ILE A 395 -4.15 16.13 -33.87
C ILE A 395 -4.38 15.28 -35.13
N ASP A 396 -3.29 14.76 -35.71
CA ASP A 396 -3.37 13.84 -36.89
C ASP A 396 -3.23 12.40 -36.40
N VAL A 397 -2.43 12.17 -35.36
CA VAL A 397 -2.10 10.82 -34.82
C VAL A 397 -2.30 10.84 -33.31
N ALA A 398 -3.09 9.90 -32.77
CA ALA A 398 -3.35 9.72 -31.33
C ALA A 398 -2.96 8.31 -30.91
N LEU A 399 -2.27 8.20 -29.79
CA LEU A 399 -1.80 6.92 -29.20
C LEU A 399 -2.59 6.69 -27.92
N SER A 400 -3.01 5.45 -27.65
CA SER A 400 -3.65 5.08 -26.36
C SER A 400 -2.86 3.96 -25.70
N ASN A 401 -2.42 4.17 -24.45
CA ASN A 401 -1.59 3.22 -23.69
C ASN A 401 -2.40 2.51 -22.60
N SER A 402 -2.12 1.23 -22.39
CA SER A 402 -2.67 0.42 -21.28
C SER A 402 -1.57 -0.48 -20.74
N PHE A 403 -1.32 -0.43 -19.45
CA PHE A 403 -0.30 -1.24 -18.74
C PHE A 403 -0.99 -1.96 -17.57
N GLY A 404 -0.89 -3.28 -17.51
CA GLY A 404 -1.72 -4.10 -16.63
C GLY A 404 -0.90 -4.88 -15.62
N PHE A 405 -1.54 -5.28 -14.53
CA PHE A 405 -0.97 -6.23 -13.55
C PHE A 405 -0.30 -7.37 -14.31
N GLY A 406 0.91 -7.76 -13.87
CA GLY A 406 1.74 -8.78 -14.55
C GLY A 406 2.74 -8.15 -15.50
N GLY A 407 2.65 -6.84 -15.74
CA GLY A 407 3.50 -6.11 -16.68
C GLY A 407 3.09 -6.30 -18.13
N THR A 408 1.80 -6.56 -18.39
CA THR A 408 1.28 -6.76 -19.75
C THR A 408 0.91 -5.40 -20.35
N ASN A 409 1.50 -5.08 -21.50
CA ASN A 409 1.41 -3.72 -22.09
C ASN A 409 0.77 -3.80 -23.47
N GLY A 410 -0.04 -2.80 -23.78
CA GLY A 410 -0.65 -2.64 -25.11
C GLY A 410 -0.76 -1.17 -25.47
N THR A 411 -0.55 -0.87 -26.75
CA THR A 411 -0.68 0.50 -27.30
C THR A 411 -1.48 0.41 -28.60
N LEU A 412 -2.45 1.32 -28.79
CA LEU A 412 -3.17 1.49 -30.07
C LEU A 412 -2.76 2.82 -30.69
N VAL A 413 -2.65 2.85 -32.02
CA VAL A 413 -2.38 4.10 -32.79
C VAL A 413 -3.55 4.36 -33.74
N PHE A 414 -4.18 5.52 -33.62
CA PHE A 414 -5.29 6.00 -34.49
C PHE A 414 -4.80 7.19 -35.30
N ARG A 415 -5.37 7.35 -36.49
CA ARG A 415 -5.02 8.44 -37.44
C ARG A 415 -6.31 9.07 -37.98
N ARG A 416 -6.32 10.39 -38.18
CA ARG A 416 -7.39 11.06 -38.96
C ARG A 416 -7.49 10.34 -40.31
N PHE A 417 -8.70 10.05 -40.77
CA PHE A 417 -8.90 9.16 -41.95
C PHE A 417 -8.76 9.95 -43.26
N ALA A 418 -7.82 9.51 -44.12
CA ALA A 418 -7.68 9.89 -45.54
C ALA A 418 -6.86 8.80 -46.27
N ARG B 8 12.15 -27.58 28.64
CA ARG B 8 11.71 -26.21 28.24
C ARG B 8 11.58 -26.12 26.72
N ARG B 9 10.46 -25.60 26.20
CA ARG B 9 10.14 -25.54 24.76
C ARG B 9 10.89 -24.37 24.11
N ARG B 10 11.21 -24.50 22.82
CA ARG B 10 11.96 -23.48 22.05
C ARG B 10 10.97 -22.48 21.47
N VAL B 11 11.37 -21.20 21.38
CA VAL B 11 10.50 -20.09 20.91
C VAL B 11 11.17 -19.42 19.71
N VAL B 12 10.42 -19.27 18.63
CA VAL B 12 10.92 -18.65 17.39
C VAL B 12 10.01 -17.47 17.04
N ILE B 13 10.53 -16.58 16.20
CA ILE B 13 9.83 -15.37 15.71
C ILE B 13 9.32 -15.68 14.30
N THR B 14 8.01 -15.62 14.08
CA THR B 14 7.35 -15.99 12.79
C THR B 14 6.64 -14.78 12.19
N GLY B 15 6.62 -13.61 12.85
CA GLY B 15 5.89 -12.45 12.33
C GLY B 15 6.36 -11.18 13.01
N MET B 16 6.43 -10.07 12.28
CA MET B 16 6.89 -8.77 12.85
C MET B 16 6.08 -7.64 12.23
N GLY B 17 5.82 -6.60 13.02
CA GLY B 17 5.06 -5.41 12.61
C GLY B 17 5.56 -4.18 13.30
N MET B 18 5.40 -3.01 12.69
CA MET B 18 6.04 -1.77 13.20
C MET B 18 5.36 -0.51 12.66
N LEU B 19 5.26 0.51 13.52
CA LEU B 19 5.20 1.94 13.12
C LEU B 19 6.39 2.64 13.77
N SER B 20 7.13 3.45 13.04
CA SER B 20 8.28 4.19 13.62
C SER B 20 8.40 5.54 12.93
N PRO B 21 9.22 6.45 13.47
CA PRO B 21 9.56 7.70 12.78
C PRO B 21 10.22 7.51 11.41
N LEU B 22 10.63 6.29 11.05
CA LEU B 22 11.28 6.00 9.74
C LEU B 22 10.31 5.31 8.76
N GLY B 23 9.14 4.84 9.19
CA GLY B 23 8.27 4.12 8.24
C GLY B 23 7.00 3.59 8.88
N LEU B 24 6.00 3.29 8.05
CA LEU B 24 4.66 2.80 8.48
C LEU B 24 4.62 1.27 8.46
N ASP B 25 5.75 0.60 8.26
CA ASP B 25 5.85 -0.87 8.33
C ASP B 25 7.31 -1.25 8.58
N VAL B 26 7.59 -2.53 8.67
CA VAL B 26 8.95 -3.05 8.96
C VAL B 26 9.90 -2.76 7.79
N PRO B 27 9.61 -3.17 6.54
N PRO B 27 9.63 -3.25 6.55
CA PRO B 27 10.59 -2.99 5.46
CA PRO B 27 10.51 -2.99 5.42
C PRO B 27 10.94 -1.51 5.22
C PRO B 27 10.94 -1.52 5.24
N SER B 28 9.98 -0.59 5.29
CA SER B 28 10.24 0.87 5.09
C SER B 28 11.11 1.41 6.24
N SER B 29 10.84 0.99 7.48
CA SER B 29 11.65 1.41 8.65
C SER B 29 13.09 0.89 8.52
N TRP B 30 13.26 -0.38 8.17
CA TRP B 30 14.60 -1.03 8.08
C TRP B 30 15.43 -0.39 6.95
N GLU B 31 14.78 -0.02 5.83
CA GLU B 31 15.49 0.68 4.72
C GLU B 31 16.10 1.98 5.27
N GLY B 32 15.33 2.75 6.04
CA GLY B 32 15.81 3.97 6.70
C GLY B 32 16.96 3.69 7.65
N ILE B 33 16.86 2.64 8.47
CA ILE B 33 17.91 2.25 9.43
C ILE B 33 19.21 2.01 8.67
N LEU B 34 19.17 1.18 7.63
CA LEU B 34 20.41 0.78 6.91
C LEU B 34 20.97 1.97 6.12
N ALA B 35 20.14 2.96 5.76
CA ALA B 35 20.57 4.17 5.03
C ALA B 35 21.09 5.26 5.98
N GLY B 36 20.99 5.09 7.30
CA GLY B 36 21.41 6.12 8.27
C GLY B 36 20.49 7.33 8.27
N ARG B 37 19.21 7.15 7.93
CA ARG B 37 18.23 8.26 7.83
CA ARG B 37 18.28 8.30 7.85
C ARG B 37 17.74 8.62 9.24
N SER B 38 17.53 9.91 9.50
CA SER B 38 16.91 10.39 10.75
C SER B 38 15.38 10.45 10.56
N GLY B 39 14.62 10.02 11.57
CA GLY B 39 13.16 10.26 11.61
C GLY B 39 12.80 11.44 12.50
N ILE B 40 13.75 12.29 12.89
CA ILE B 40 13.51 13.37 13.89
C ILE B 40 13.25 14.70 13.17
N ALA B 41 12.25 15.44 13.63
CA ALA B 41 11.84 16.74 13.01
C ALA B 41 11.10 17.60 14.02
N PRO B 42 10.98 18.92 13.76
CA PRO B 42 10.10 19.77 14.56
C PRO B 42 8.69 19.19 14.60
N ILE B 43 8.05 19.18 15.78
CA ILE B 43 6.70 18.58 15.95
C ILE B 43 5.68 19.56 15.35
N GLU B 44 4.74 19.04 14.55
CA GLU B 44 3.78 19.85 13.74
C GLU B 44 2.40 19.93 14.43
N HIS B 45 2.04 18.93 15.24
CA HIS B 45 0.65 18.68 15.73
C HIS B 45 0.33 19.54 16.96
N MET B 46 1.28 20.29 17.54
CA MET B 46 0.97 21.26 18.62
C MET B 46 1.94 22.45 18.56
N ASP B 47 1.58 23.56 19.22
CA ASP B 47 2.41 24.77 19.38
C ASP B 47 3.29 24.59 20.61
N LEU B 48 4.61 24.49 20.42
CA LEU B 48 5.59 24.18 21.49
C LEU B 48 6.50 25.40 21.72
N SER B 49 6.12 26.59 21.25
CA SER B 49 6.95 27.82 21.34
C SER B 49 7.38 28.07 22.79
N ALA B 50 6.61 27.61 23.78
CA ALA B 50 6.87 27.79 25.24
C ALA B 50 7.74 26.67 25.83
N TYR B 51 8.03 25.61 25.07
CA TYR B 51 8.76 24.41 25.56
C TYR B 51 10.23 24.51 25.18
N SER B 52 11.12 23.91 25.98
CA SER B 52 12.58 23.94 25.76
C SER B 52 12.98 22.91 24.69
N THR B 53 12.15 21.89 24.43
CA THR B 53 12.34 20.91 23.33
C THR B 53 11.10 20.97 22.42
N ARG B 54 11.29 21.16 21.11
CA ARG B 54 10.20 21.41 20.14
C ARG B 54 10.24 20.42 18.99
N PHE B 55 10.99 19.31 19.15
CA PHE B 55 11.19 18.31 18.08
C PHE B 55 11.11 16.92 18.71
N GLY B 56 10.93 15.93 17.85
CA GLY B 56 10.84 14.51 18.25
C GLY B 56 10.65 13.63 17.05
N GLY B 57 10.43 12.34 17.32
CA GLY B 57 10.19 11.32 16.28
C GLY B 57 8.70 11.07 16.16
N SER B 58 8.03 11.67 15.18
CA SER B 58 6.58 11.45 14.91
C SER B 58 6.39 10.34 13.88
N VAL B 59 5.27 9.63 13.97
CA VAL B 59 4.81 8.72 12.89
C VAL B 59 4.14 9.61 11.83
N LYS B 60 4.63 9.57 10.59
CA LYS B 60 4.15 10.46 9.50
C LYS B 60 3.23 9.68 8.56
N GLY B 61 2.00 10.18 8.38
CA GLY B 61 1.05 9.73 7.33
C GLY B 61 0.31 8.45 7.73
N PHE B 62 0.20 8.16 9.02
CA PHE B 62 -0.52 6.95 9.51
C PHE B 62 -1.99 7.04 9.12
N ASN B 63 -2.52 5.97 8.52
CA ASN B 63 -3.96 5.84 8.21
C ASN B 63 -4.54 4.68 9.03
N VAL B 64 -5.15 4.99 10.16
CA VAL B 64 -5.76 3.98 11.08
C VAL B 64 -6.82 3.18 10.33
N GLU B 65 -7.43 3.73 9.27
CA GLU B 65 -8.53 3.05 8.53
C GLU B 65 -8.00 1.85 7.71
N GLU B 66 -6.68 1.70 7.57
CA GLU B 66 -6.07 0.46 6.99
C GLU B 66 -6.25 -0.72 7.97
N TYR B 67 -6.57 -0.44 9.23
CA TYR B 67 -6.60 -1.45 10.34
C TYR B 67 -7.97 -1.53 11.01
N LEU B 68 -8.62 -0.39 11.24
CA LEU B 68 -9.89 -0.26 12.01
C LEU B 68 -10.88 0.57 11.23
N SER B 69 -12.18 0.39 11.46
CA SER B 69 -13.24 1.33 10.98
C SER B 69 -13.00 2.69 11.65
N ALA B 70 -13.43 3.77 10.99
CA ALA B 70 -13.36 5.16 11.53
C ALA B 70 -14.12 5.23 12.85
N LYS B 71 -15.21 4.46 12.95
CA LYS B 71 -16.10 4.33 14.15
C LYS B 71 -15.24 3.88 15.34
N GLU B 72 -14.63 2.70 15.23
CA GLU B 72 -13.78 2.07 16.30
C GLU B 72 -12.61 3.00 16.66
N ALA B 73 -11.91 3.53 15.65
CA ALA B 73 -10.67 4.32 15.82
C ALA B 73 -10.95 5.58 16.68
N ARG B 74 -12.12 6.20 16.53
CA ARG B 74 -12.51 7.45 17.24
C ARG B 74 -12.51 7.24 18.77
N LYS B 75 -12.64 5.99 19.23
CA LYS B 75 -12.76 5.63 20.67
C LYS B 75 -11.38 5.42 21.32
N LEU B 76 -10.30 5.35 20.53
CA LEU B 76 -8.97 4.85 21.01
C LEU B 76 -7.89 5.95 20.96
N ASP B 77 -7.12 6.11 22.05
CA ASP B 77 -5.90 6.97 22.06
C ASP B 77 -4.97 6.50 20.95
N LEU B 78 -4.14 7.41 20.45
CA LEU B 78 -3.14 7.08 19.40
C LEU B 78 -2.24 5.92 19.84
N PHE B 79 -1.84 5.80 21.11
CA PHE B 79 -0.88 4.72 21.49
C PHE B 79 -1.57 3.37 21.26
N ILE B 80 -2.89 3.31 21.44
CA ILE B 80 -3.66 2.05 21.20
C ILE B 80 -3.78 1.80 19.69
N GLN B 81 -4.09 2.83 18.91
CA GLN B 81 -4.14 2.69 17.42
C GLN B 81 -2.79 2.17 16.93
N TYR B 82 -1.68 2.74 17.42
CA TYR B 82 -0.33 2.34 16.98
C TYR B 82 -0.05 0.89 17.37
N GLY B 83 -0.39 0.49 18.60
CA GLY B 83 -0.16 -0.90 19.05
C GLY B 83 -0.95 -1.90 18.24
N LEU B 84 -2.20 -1.57 17.91
CA LEU B 84 -3.06 -2.47 17.09
C LEU B 84 -2.50 -2.58 15.66
N ALA B 85 -2.04 -1.47 15.08
CA ALA B 85 -1.43 -1.48 13.72
C ALA B 85 -0.25 -2.46 13.68
N ALA B 86 0.71 -2.34 14.62
CA ALA B 86 1.89 -3.23 14.66
C ALA B 86 1.46 -4.67 14.86
N SER B 87 0.49 -4.92 15.77
CA SER B 87 -0.01 -6.28 16.10
C SER B 87 -0.66 -6.92 14.85
N PHE B 88 -1.53 -6.19 14.18
CA PHE B 88 -2.24 -6.70 12.98
C PHE B 88 -1.20 -7.02 11.89
N GLN B 89 -0.19 -6.16 11.69
CA GLN B 89 0.92 -6.42 10.73
C GLN B 89 1.62 -7.74 11.10
N ALA B 90 2.02 -7.90 12.37
CA ALA B 90 2.76 -9.08 12.82
C ALA B 90 1.93 -10.35 12.57
N VAL B 91 0.65 -10.33 12.90
CA VAL B 91 -0.21 -11.56 12.79
C VAL B 91 -0.36 -11.91 11.30
N ARG B 92 -0.59 -10.91 10.45
CA ARG B 92 -0.70 -11.14 8.97
C ARG B 92 0.63 -11.71 8.48
N ASP B 93 1.75 -11.14 8.92
CA ASP B 93 3.13 -11.54 8.51
C ASP B 93 3.39 -13.01 8.87
N SER B 94 2.81 -13.50 9.97
CA SER B 94 3.06 -14.86 10.53
C SER B 94 2.33 -15.92 9.69
N GLY B 95 1.23 -15.53 9.04
CA GLY B 95 0.35 -16.43 8.27
C GLY B 95 -0.53 -17.28 9.15
N LEU B 96 -0.48 -17.10 10.48
CA LEU B 96 -1.24 -17.96 11.43
C LEU B 96 -2.74 -17.83 11.16
N GLU B 97 -3.46 -18.96 11.13
CA GLU B 97 -4.94 -19.04 11.10
C GLU B 97 -5.47 -19.35 12.50
N VAL B 98 -6.30 -18.47 13.06
CA VAL B 98 -6.91 -18.65 14.40
C VAL B 98 -8.20 -19.48 14.26
N THR B 99 -8.29 -20.58 15.01
CA THR B 99 -9.41 -21.57 14.96
C THR B 99 -9.86 -21.92 16.38
N ASP B 100 -10.96 -22.67 16.50
CA ASP B 100 -11.45 -23.15 17.82
C ASP B 100 -10.39 -24.06 18.45
N ALA B 101 -9.59 -24.74 17.63
CA ALA B 101 -8.57 -25.71 18.10
C ALA B 101 -7.36 -25.01 18.71
N ASN B 102 -7.12 -23.72 18.40
CA ASN B 102 -5.89 -23.05 18.90
C ASN B 102 -6.17 -21.71 19.61
N ARG B 103 -7.39 -21.14 19.58
CA ARG B 103 -7.60 -19.75 20.07
C ARG B 103 -7.29 -19.65 21.58
N GLU B 104 -7.47 -20.71 22.38
CA GLU B 104 -7.12 -20.69 23.82
C GLU B 104 -5.60 -20.71 24.03
N ARG B 105 -4.84 -21.01 22.97
CA ARG B 105 -3.37 -21.22 23.03
C ARG B 105 -2.64 -20.00 22.44
N ILE B 106 -3.38 -18.95 22.06
CA ILE B 106 -2.81 -17.70 21.47
C ILE B 106 -3.14 -16.53 22.40
N GLY B 107 -2.12 -15.88 22.95
CA GLY B 107 -2.31 -14.73 23.85
C GLY B 107 -1.62 -13.46 23.36
N VAL B 108 -1.71 -12.41 24.17
CA VAL B 108 -1.19 -11.06 23.81
C VAL B 108 -0.55 -10.42 25.04
N SER B 109 0.62 -9.84 24.84
CA SER B 109 1.32 -9.00 25.84
C SER B 109 1.90 -7.77 25.13
N MET B 110 1.07 -6.73 24.98
CA MET B 110 1.50 -5.43 24.41
C MET B 110 1.47 -4.38 25.54
N GLY B 111 2.57 -3.67 25.74
CA GLY B 111 2.71 -2.73 26.86
C GLY B 111 2.86 -1.28 26.41
N SER B 112 2.95 -0.39 27.38
CA SER B 112 3.24 1.05 27.13
C SER B 112 3.92 1.64 28.37
N GLY B 113 4.78 2.63 28.17
CA GLY B 113 5.48 3.27 29.29
C GLY B 113 4.58 4.28 29.97
N ILE B 114 3.88 5.11 29.18
CA ILE B 114 3.11 6.28 29.68
C ILE B 114 1.64 6.19 29.23
N GLY B 115 1.29 5.38 28.24
CA GLY B 115 -0.11 5.18 27.83
C GLY B 115 -0.75 6.45 27.27
N GLY B 116 -2.01 6.71 27.61
CA GLY B 116 -2.90 7.62 26.83
C GLY B 116 -2.79 9.06 27.27
N LEU B 117 -1.58 9.62 27.29
CA LEU B 117 -1.33 10.97 27.87
C LEU B 117 -2.05 12.05 27.03
N THR B 118 -2.09 11.90 25.71
CA THR B 118 -2.84 12.80 24.78
C THR B 118 -4.33 12.81 25.17
N ASN B 119 -4.97 11.64 25.25
CA ASN B 119 -6.40 11.52 25.61
C ASN B 119 -6.63 12.16 26.98
N ILE B 120 -5.73 11.90 27.94
CA ILE B 120 -5.86 12.42 29.34
C ILE B 120 -5.82 13.95 29.29
N GLU B 121 -4.87 14.50 28.55
CA GLU B 121 -4.66 15.97 28.40
C GLU B 121 -5.95 16.58 27.84
N ASN B 122 -6.49 16.02 26.75
CA ASN B 122 -7.69 16.55 26.03
C ASN B 122 -8.91 16.50 26.96
N ASN B 123 -9.11 15.40 27.69
CA ASN B 123 -10.26 15.25 28.62
C ASN B 123 -10.07 16.18 29.83
N CYS B 124 -8.83 16.39 30.25
CA CYS B 124 -8.46 17.30 31.38
C CYS B 124 -8.85 18.74 31.00
N ARG B 125 -8.64 19.14 29.74
CA ARG B 125 -9.01 20.48 29.21
C ARG B 125 -10.53 20.66 29.33
N SER B 126 -11.31 19.70 28.80
CA SER B 126 -12.79 19.69 28.87
C SER B 126 -13.25 19.81 30.32
N LEU B 127 -12.66 19.03 31.23
CA LEU B 127 -13.01 18.98 32.67
C LEU B 127 -12.84 20.36 33.31
N PHE B 128 -11.71 21.04 33.08
CA PHE B 128 -11.36 22.32 33.75
C PHE B 128 -12.22 23.46 33.19
N GLU B 129 -12.50 23.44 31.88
CA GLU B 129 -13.24 24.51 31.18
C GLU B 129 -14.75 24.36 31.41
N GLN B 130 -15.27 23.12 31.34
CA GLN B 130 -16.72 22.85 31.15
C GLN B 130 -17.28 21.81 32.15
N GLY B 131 -16.45 21.26 33.04
CA GLY B 131 -16.89 20.33 34.10
C GLY B 131 -16.94 18.87 33.65
N PRO B 132 -17.23 17.93 34.58
CA PRO B 132 -17.05 16.49 34.33
C PRO B 132 -17.97 15.84 33.27
N ARG B 133 -19.12 16.44 32.97
CA ARG B 133 -20.10 15.85 32.03
C ARG B 133 -19.62 16.03 30.58
N ARG B 134 -18.49 16.71 30.35
CA ARG B 134 -17.84 16.82 29.02
C ARG B 134 -16.84 15.68 28.77
N ILE B 135 -16.51 14.87 29.78
CA ILE B 135 -15.55 13.74 29.65
C ILE B 135 -16.14 12.68 28.72
N SER B 136 -15.34 12.14 27.80
CA SER B 136 -15.79 11.09 26.84
C SER B 136 -16.17 9.81 27.59
N PRO B 137 -17.28 9.13 27.18
CA PRO B 137 -17.61 7.81 27.73
C PRO B 137 -16.53 6.74 27.45
N PHE B 138 -15.70 6.96 26.44
CA PHE B 138 -14.65 6.01 26.03
C PHE B 138 -13.30 6.40 26.65
N PHE B 139 -13.27 7.42 27.52
CA PHE B 139 -12.02 7.94 28.12
C PHE B 139 -11.25 6.81 28.81
N VAL B 140 -11.89 6.03 29.69
CA VAL B 140 -11.17 4.95 30.42
C VAL B 140 -10.80 3.81 29.47
N PRO B 141 -11.73 3.11 28.79
CA PRO B 141 -11.35 1.94 27.99
C PRO B 141 -10.49 2.30 26.77
N GLY B 142 -10.56 3.55 26.31
CA GLY B 142 -9.78 4.06 25.16
C GLY B 142 -8.44 4.64 25.58
N SER B 143 -8.08 4.61 26.88
CA SER B 143 -6.83 5.22 27.37
C SER B 143 -6.00 4.26 28.23
N ILE B 144 -6.58 3.26 28.90
CA ILE B 144 -5.80 2.44 29.86
C ILE B 144 -4.87 1.50 29.08
N ILE B 145 -3.70 1.22 29.64
CA ILE B 145 -2.57 0.61 28.90
C ILE B 145 -2.93 -0.80 28.42
N ASN B 146 -3.74 -1.57 29.15
CA ASN B 146 -4.01 -2.99 28.78
C ASN B 146 -5.01 -3.11 27.64
N MET B 147 -5.46 -2.00 27.05
CA MET B 147 -6.50 -2.08 26.00
C MET B 147 -5.89 -2.34 24.62
N VAL B 148 -4.57 -2.30 24.42
CA VAL B 148 -3.98 -2.85 23.17
C VAL B 148 -4.19 -4.37 23.20
N SER B 149 -3.75 -5.01 24.29
CA SER B 149 -3.98 -6.47 24.50
C SER B 149 -5.49 -6.79 24.45
N GLY B 150 -6.32 -5.98 25.09
CA GLY B 150 -7.78 -6.18 25.14
C GLY B 150 -8.39 -6.14 23.75
N PHE B 151 -8.23 -5.02 23.06
CA PHE B 151 -8.84 -4.80 21.71
C PHE B 151 -8.26 -5.80 20.69
N LEU B 152 -6.97 -6.13 20.75
CA LEU B 152 -6.40 -7.14 19.80
C LEU B 152 -7.10 -8.47 20.04
N SER B 153 -7.23 -8.89 21.29
CA SER B 153 -7.83 -10.21 21.63
C SER B 153 -9.27 -10.27 21.10
N ILE B 154 -10.01 -9.17 21.23
CA ILE B 154 -11.44 -9.10 20.81
C ILE B 154 -11.50 -9.18 19.28
N HIS B 155 -10.66 -8.42 18.59
CA HIS B 155 -10.64 -8.33 17.11
C HIS B 155 -10.28 -9.69 16.48
N LEU B 156 -9.35 -10.46 17.07
CA LEU B 156 -8.82 -11.69 16.43
C LEU B 156 -9.32 -12.97 17.12
N GLY B 157 -10.08 -12.83 18.23
CA GLY B 157 -10.62 -13.97 19.00
C GLY B 157 -9.56 -14.74 19.75
N LEU B 158 -8.57 -14.05 20.35
CA LEU B 158 -7.43 -14.68 21.07
C LEU B 158 -7.84 -14.85 22.53
N GLN B 159 -7.79 -16.08 23.04
CA GLN B 159 -8.34 -16.40 24.39
C GLN B 159 -7.22 -16.82 25.35
N GLY B 160 -5.96 -16.80 24.91
CA GLY B 160 -4.78 -17.15 25.72
C GLY B 160 -4.44 -16.04 26.73
N PRO B 161 -3.31 -16.20 27.45
CA PRO B 161 -2.88 -15.21 28.43
C PRO B 161 -2.93 -13.79 27.86
N ASN B 162 -3.48 -12.85 28.64
CA ASN B 162 -3.83 -11.48 28.15
C ASN B 162 -3.36 -10.48 29.20
N TYR B 163 -2.27 -9.76 28.95
CA TYR B 163 -1.74 -8.83 29.98
C TYR B 163 -0.93 -7.72 29.33
N ALA B 164 -0.46 -6.79 30.15
CA ALA B 164 0.31 -5.61 29.71
C ALA B 164 1.34 -5.24 30.77
N LEU B 165 2.58 -5.03 30.31
CA LEU B 165 3.71 -4.48 31.11
C LEU B 165 3.74 -2.96 31.00
N THR B 166 4.25 -2.29 32.03
CA THR B 166 4.56 -0.84 31.98
C THR B 166 5.86 -0.64 32.78
N THR B 167 7.01 -0.65 32.10
CA THR B 167 8.36 -0.58 32.74
C THR B 167 9.20 0.46 32.01
N ALA B 168 8.61 1.61 31.71
CA ALA B 168 9.31 2.75 31.06
C ALA B 168 10.05 2.24 29.82
N ALA B 169 11.34 2.53 29.65
CA ALA B 169 12.11 2.15 28.44
C ALA B 169 12.24 0.63 28.31
N THR B 170 11.99 -0.16 29.36
CA THR B 170 12.19 -1.63 29.32
C THR B 170 10.90 -2.35 28.89
N THR B 171 9.80 -1.62 28.73
CA THR B 171 8.45 -2.22 28.51
C THR B 171 8.46 -3.24 27.38
N GLY B 172 8.94 -2.87 26.19
CA GLY B 172 8.86 -3.76 25.03
C GLY B 172 9.71 -5.01 25.22
N THR B 173 10.85 -4.87 25.89
CA THR B 173 11.81 -5.96 26.15
C THR B 173 11.18 -6.95 27.15
N HIS B 174 10.65 -6.46 28.27
CA HIS B 174 9.94 -7.30 29.27
C HIS B 174 8.73 -7.97 28.61
N SER B 175 7.98 -7.25 27.76
CA SER B 175 6.74 -7.78 27.14
C SER B 175 7.11 -9.01 26.31
N ILE B 176 8.15 -8.89 25.48
CA ILE B 176 8.59 -10.00 24.59
C ILE B 176 9.16 -11.16 25.44
N GLY B 177 10.03 -10.86 26.39
CA GLY B 177 10.67 -11.90 27.22
C GLY B 177 9.64 -12.71 28.00
N MET B 178 8.68 -12.04 28.61
CA MET B 178 7.68 -12.73 29.47
C MET B 178 6.68 -13.51 28.60
N ALA B 179 6.34 -13.01 27.41
CA ALA B 179 5.53 -13.77 26.44
C ALA B 179 6.28 -15.05 26.03
N ALA B 180 7.58 -14.97 25.82
CA ALA B 180 8.42 -16.14 25.46
C ALA B 180 8.37 -17.16 26.60
N ARG B 181 8.43 -16.71 27.84
CA ARG B 181 8.31 -17.59 29.04
C ARG B 181 6.96 -18.32 29.03
N ASN B 182 5.86 -17.64 28.70
CA ASN B 182 4.52 -18.30 28.61
C ASN B 182 4.61 -19.50 27.68
N ILE B 183 5.24 -19.34 26.52
CA ILE B 183 5.34 -20.40 25.48
C ILE B 183 6.28 -21.50 25.97
N ALA B 184 7.44 -21.13 26.49
CA ALA B 184 8.49 -22.06 27.00
C ALA B 184 7.89 -23.01 28.04
N TYR B 185 7.01 -22.51 28.92
CA TYR B 185 6.52 -23.25 30.10
C TYR B 185 5.15 -23.87 29.80
N GLY B 186 4.63 -23.67 28.59
CA GLY B 186 3.46 -24.41 28.05
C GLY B 186 2.12 -23.74 28.28
N GLU B 187 2.06 -22.50 28.77
CA GLU B 187 0.74 -21.85 29.02
C GLU B 187 0.24 -21.15 27.75
N ALA B 188 1.03 -21.12 26.67
CA ALA B 188 0.56 -20.70 25.33
C ALA B 188 1.45 -21.35 24.25
N ASP B 189 0.95 -21.44 23.03
CA ASP B 189 1.72 -21.90 21.84
C ASP B 189 2.16 -20.69 21.00
N VAL B 190 1.39 -19.59 21.04
CA VAL B 190 1.65 -18.34 20.26
C VAL B 190 1.40 -17.15 21.20
N MET B 191 2.24 -16.13 21.13
CA MET B 191 1.96 -14.83 21.80
C MET B 191 2.30 -13.69 20.83
N VAL B 192 1.44 -12.68 20.78
CA VAL B 192 1.72 -11.37 20.12
C VAL B 192 2.26 -10.44 21.21
N ALA B 193 3.51 -9.98 21.09
CA ALA B 193 4.15 -9.24 22.19
C ALA B 193 4.93 -8.04 21.65
N GLY B 194 5.00 -6.97 22.45
CA GLY B 194 5.73 -5.74 22.09
C GLY B 194 5.21 -4.56 22.87
N GLY B 195 5.21 -3.39 22.25
CA GLY B 195 4.80 -2.15 22.94
C GLY B 195 4.47 -1.03 22.00
N SER B 196 3.84 0.01 22.54
CA SER B 196 3.47 1.20 21.75
C SER B 196 3.55 2.44 22.64
N GLU B 197 3.73 3.60 22.01
CA GLU B 197 3.89 4.88 22.73
C GLU B 197 3.48 6.05 21.84
N MET B 198 2.81 7.02 22.46
CA MET B 198 2.52 8.34 21.87
CA MET B 198 2.57 8.36 21.86
C MET B 198 2.48 9.36 23.02
N ALA B 199 3.63 9.84 23.44
CA ALA B 199 3.81 10.67 24.64
C ALA B 199 4.05 12.15 24.26
N ALA B 200 3.99 12.49 22.98
CA ALA B 200 4.24 13.88 22.48
C ALA B 200 2.97 14.70 22.68
N CYS B 201 2.68 15.02 23.94
CA CYS B 201 1.69 16.03 24.35
C CYS B 201 2.42 17.03 25.25
N GLY B 202 1.73 18.10 25.66
CA GLY B 202 2.27 19.07 26.62
C GLY B 202 2.85 18.39 27.85
N LEU B 203 2.13 17.43 28.43
CA LEU B 203 2.58 16.74 29.68
C LEU B 203 3.80 15.87 29.38
N GLY B 204 3.93 15.29 28.18
CA GLY B 204 5.07 14.43 27.79
C GLY B 204 6.34 15.22 27.57
N LEU B 205 6.34 16.13 26.60
CA LEU B 205 7.50 17.01 26.32
C LEU B 205 7.76 17.90 27.54
N GLY B 206 6.70 18.42 28.16
CA GLY B 206 6.81 19.26 29.37
C GLY B 206 7.32 18.49 30.56
N GLY B 207 6.84 17.26 30.77
CA GLY B 207 7.25 16.43 31.91
C GLY B 207 8.70 16.00 31.80
N PHE B 208 9.11 15.47 30.64
CA PHE B 208 10.51 15.01 30.45
C PHE B 208 11.43 16.24 30.42
N GLY B 209 10.95 17.35 29.83
CA GLY B 209 11.65 18.65 29.84
C GLY B 209 11.91 19.16 31.24
N ALA B 210 10.90 19.12 32.12
CA ALA B 210 10.98 19.59 33.52
C ALA B 210 12.02 18.76 34.28
N ALA B 211 12.16 17.47 33.97
CA ALA B 211 13.17 16.57 34.56
C ALA B 211 14.54 16.77 33.88
N ARG B 212 14.64 17.71 32.93
CA ARG B 212 15.84 18.01 32.11
C ARG B 212 16.42 16.72 31.50
N ALA B 213 15.56 15.85 31.00
CA ALA B 213 15.96 14.53 30.44
C ALA B 213 16.20 14.64 28.93
N LEU B 214 15.71 15.71 28.27
CA LEU B 214 15.63 15.78 26.79
C LEU B 214 16.76 16.65 26.22
N SER B 215 17.27 16.26 25.06
CA SER B 215 18.07 17.15 24.20
C SER B 215 17.28 18.44 23.92
N THR B 216 17.98 19.58 23.91
CA THR B 216 17.39 20.89 23.57
C THR B 216 18.05 21.44 22.29
N ARG B 217 18.54 20.57 21.40
CA ARG B 217 19.21 20.97 20.14
C ARG B 217 18.16 21.27 19.07
N ASN B 218 17.34 22.31 19.29
CA ASN B 218 16.18 22.67 18.43
C ASN B 218 16.67 23.14 17.05
N ASP B 219 17.88 23.69 16.97
CA ASP B 219 18.43 24.24 15.70
C ASP B 219 18.83 23.12 14.74
N GLU B 220 19.11 21.90 15.23
CA GLU B 220 19.54 20.76 14.37
C GLU B 220 18.92 19.47 14.89
N PRO B 221 17.58 19.30 14.79
CA PRO B 221 16.92 18.13 15.39
C PRO B 221 17.49 16.77 14.95
N THR B 222 17.90 16.61 13.69
CA THR B 222 18.41 15.32 13.17
C THR B 222 19.77 15.00 13.80
N ARG B 223 20.45 15.97 14.41
CA ARG B 223 21.78 15.79 15.06
C ARG B 223 21.65 15.65 16.59
N ALA B 224 20.44 15.75 17.15
CA ALA B 224 20.22 15.86 18.61
C ALA B 224 20.55 14.52 19.29
N SER B 225 20.05 13.43 18.72
CA SER B 225 20.29 12.05 19.23
C SER B 225 21.67 11.59 18.77
N ARG B 226 22.64 11.56 19.69
CA ARG B 226 24.07 11.30 19.35
C ARG B 226 24.68 10.43 20.44
N PRO B 227 24.23 9.15 20.55
CA PRO B 227 24.74 8.26 21.58
C PRO B 227 26.27 8.13 21.55
N TRP B 228 26.88 8.22 22.74
CA TRP B 228 28.34 8.10 23.04
C TRP B 228 29.13 9.30 22.50
N ASP B 229 28.48 10.28 21.88
CA ASP B 229 29.18 11.51 21.37
C ASP B 229 29.42 12.47 22.54
N ARG B 230 30.57 13.13 22.57
CA ARG B 230 30.95 14.00 23.71
C ARG B 230 29.96 15.18 23.87
N ASP B 231 29.19 15.56 22.84
CA ASP B 231 28.27 16.73 22.90
C ASP B 231 26.81 16.30 23.10
N ARG B 232 26.54 15.03 23.41
CA ARG B 232 25.16 14.56 23.75
C ARG B 232 24.62 15.36 24.95
N ASP B 233 23.30 15.58 24.98
CA ASP B 233 22.63 16.45 25.98
C ASP B 233 21.24 15.92 26.32
N GLY B 234 21.02 14.60 26.22
CA GLY B 234 19.74 13.97 26.61
C GLY B 234 19.02 13.32 25.44
N PHE B 235 17.95 12.58 25.71
CA PHE B 235 17.31 11.73 24.68
C PHE B 235 16.30 12.56 23.87
N VAL B 236 15.85 11.96 22.79
CA VAL B 236 14.83 12.52 21.87
C VAL B 236 13.57 11.67 22.01
N LEU B 237 12.44 12.30 22.30
CA LEU B 237 11.16 11.59 22.51
C LEU B 237 10.55 11.22 21.15
N SER B 238 10.16 9.96 21.00
CA SER B 238 9.65 9.39 19.73
C SER B 238 8.42 8.52 19.99
N ASP B 239 7.63 8.35 18.92
CA ASP B 239 6.33 7.63 18.95
C ASP B 239 6.39 6.42 18.02
N GLY B 240 5.54 5.41 18.29
CA GLY B 240 5.35 4.29 17.37
C GLY B 240 5.08 3.01 18.13
N SER B 241 5.39 1.88 17.51
CA SER B 241 4.98 0.55 18.02
C SER B 241 5.79 -0.54 17.35
N GLY B 242 6.00 -1.62 18.07
CA GLY B 242 6.57 -2.85 17.52
C GLY B 242 5.81 -4.03 18.06
N ALA B 243 5.62 -5.07 17.24
CA ALA B 243 4.97 -6.32 17.68
C ALA B 243 5.66 -7.49 17.00
N LEU B 244 5.83 -8.58 17.75
CA LEU B 244 6.38 -9.84 17.23
C LEU B 244 5.37 -10.96 17.50
N VAL B 245 5.23 -11.88 16.54
CA VAL B 245 4.56 -13.17 16.80
C VAL B 245 5.63 -14.17 17.23
N LEU B 246 5.57 -14.55 18.51
CA LEU B 246 6.40 -15.59 19.15
C LEU B 246 5.62 -16.91 19.05
N GLU B 247 6.31 -18.00 18.74
CA GLU B 247 5.64 -19.28 18.45
C GLU B 247 6.52 -20.43 18.91
N GLU B 248 5.93 -21.47 19.51
CA GLU B 248 6.66 -22.70 19.90
C GLU B 248 7.20 -23.33 18.60
N LEU B 249 8.42 -23.86 18.64
CA LEU B 249 9.16 -24.31 17.44
C LEU B 249 8.38 -25.42 16.71
N GLU B 250 7.95 -26.47 17.40
CA GLU B 250 7.24 -27.62 16.74
C GLU B 250 5.92 -27.14 16.15
N HIS B 251 5.21 -26.23 16.82
CA HIS B 251 3.96 -25.60 16.32
C HIS B 251 4.24 -24.89 14.99
N ALA B 252 5.34 -24.13 14.91
CA ALA B 252 5.75 -23.37 13.71
C ALA B 252 6.08 -24.35 12.57
N ARG B 253 6.92 -25.35 12.86
CA ARG B 253 7.37 -26.40 11.89
C ARG B 253 6.16 -27.12 11.30
N ALA B 254 5.21 -27.52 12.14
CA ALA B 254 4.00 -28.29 11.76
C ALA B 254 3.19 -27.54 10.68
N ARG B 255 3.05 -26.22 10.79
CA ARG B 255 2.19 -25.43 9.85
C ARG B 255 3.05 -24.85 8.72
N GLY B 256 4.36 -25.13 8.70
CA GLY B 256 5.31 -24.65 7.67
C GLY B 256 5.49 -23.14 7.73
N ALA B 257 5.56 -22.58 8.94
CA ALA B 257 5.78 -21.13 9.15
C ALA B 257 7.19 -20.72 8.69
N ARG B 258 7.33 -19.52 8.15
CA ARG B 258 8.64 -18.86 7.91
CA ARG B 258 8.64 -18.86 7.91
C ARG B 258 9.19 -18.38 9.25
N ILE B 259 10.36 -18.87 9.63
CA ILE B 259 11.04 -18.52 10.91
C ILE B 259 12.13 -17.48 10.64
N TYR B 260 12.08 -16.33 11.31
CA TYR B 260 13.09 -15.24 11.17
C TYR B 260 14.34 -15.57 11.99
N ALA B 261 14.14 -16.03 13.23
CA ALA B 261 15.20 -16.22 14.23
C ALA B 261 14.61 -16.95 15.43
N GLU B 262 15.49 -17.38 16.32
CA GLU B 262 15.10 -18.03 17.59
C GLU B 262 15.32 -17.02 18.73
N LEU B 263 14.35 -16.93 19.64
CA LEU B 263 14.50 -16.16 20.89
C LEU B 263 15.06 -17.13 21.93
N VAL B 264 16.35 -17.04 22.24
CA VAL B 264 17.06 -18.08 23.05
C VAL B 264 17.25 -17.61 24.49
N GLY B 265 17.24 -16.30 24.79
CA GLY B 265 17.60 -15.80 26.12
C GLY B 265 16.81 -14.57 26.52
N PHE B 266 16.46 -14.51 27.80
CA PHE B 266 15.81 -13.35 28.45
C PHE B 266 16.39 -13.19 29.86
N GLY B 267 16.89 -12.00 30.14
CA GLY B 267 17.48 -11.64 31.44
C GLY B 267 16.82 -10.40 31.99
N MET B 268 16.73 -10.33 33.32
CA MET B 268 16.24 -9.15 34.07
C MET B 268 17.18 -8.85 35.25
N SER B 269 17.23 -7.60 35.66
CA SER B 269 17.86 -7.18 36.93
C SER B 269 17.27 -5.83 37.36
N GLY B 270 17.52 -5.45 38.61
CA GLY B 270 17.35 -4.06 39.06
C GLY B 270 18.69 -3.50 39.52
N ASP B 271 18.94 -2.23 39.20
CA ASP B 271 20.14 -1.49 39.70
C ASP B 271 20.05 -1.34 41.22
N ALA B 272 18.86 -1.08 41.74
CA ALA B 272 18.62 -0.71 43.16
C ALA B 272 19.60 0.41 43.54
N PHE B 273 19.67 1.48 42.74
CA PHE B 273 20.68 2.56 42.86
C PHE B 273 20.01 3.94 42.97
N HIS B 274 19.25 4.39 41.96
CA HIS B 274 18.70 5.76 41.85
C HIS B 274 17.49 5.80 40.92
N MET B 275 16.60 6.78 41.08
CA MET B 275 15.29 6.84 40.36
C MET B 275 15.50 7.07 38.85
N THR B 276 16.56 7.79 38.43
CA THR B 276 16.80 8.15 37.00
C THR B 276 18.24 7.89 36.54
N ALA B 277 19.22 7.83 37.45
CA ALA B 277 20.66 7.69 37.14
C ALA B 277 21.10 6.24 37.32
N PRO B 278 21.93 5.70 36.41
CA PRO B 278 22.50 4.37 36.61
C PRO B 278 23.76 4.45 37.47
N PRO B 279 24.23 3.32 38.05
CA PRO B 279 25.56 3.27 38.66
C PRO B 279 26.61 3.51 37.56
N GLU B 280 27.71 4.19 37.89
CA GLU B 280 28.73 4.64 36.89
C GLU B 280 29.31 3.45 36.13
N ASP B 281 29.42 2.28 36.77
CA ASP B 281 30.01 1.05 36.19
C ASP B 281 28.94 0.20 35.50
N GLY B 282 27.67 0.63 35.50
CA GLY B 282 26.57 -0.13 34.88
C GLY B 282 26.46 -1.55 35.43
N ALA B 283 26.72 -1.76 36.72
CA ALA B 283 26.72 -3.11 37.33
C ALA B 283 25.37 -3.82 37.12
N GLY B 284 24.24 -3.10 37.20
CA GLY B 284 22.91 -3.69 36.97
C GLY B 284 22.77 -4.21 35.54
N ALA B 285 23.21 -3.43 34.56
CA ALA B 285 23.16 -3.81 33.13
C ALA B 285 24.05 -5.03 32.88
N ALA B 286 25.22 -5.09 33.54
CA ALA B 286 26.15 -6.23 33.43
C ALA B 286 25.46 -7.50 33.96
N ARG B 287 24.82 -7.44 35.13
CA ARG B 287 24.12 -8.62 35.70
C ARG B 287 23.02 -9.08 34.74
N CYS B 288 22.26 -8.13 34.20
CA CYS B 288 21.14 -8.41 33.28
C CYS B 288 21.65 -9.11 32.01
N MET B 289 22.70 -8.62 31.37
CA MET B 289 23.26 -9.26 30.15
C MET B 289 23.76 -10.67 30.51
N LYS B 290 24.45 -10.84 31.64
CA LYS B 290 24.95 -12.20 32.04
C LYS B 290 23.76 -13.12 32.28
N ASN B 291 22.71 -12.64 32.91
CA ASN B 291 21.48 -13.45 33.14
C ASN B 291 20.89 -13.92 31.82
N ALA B 292 20.84 -13.03 30.81
CA ALA B 292 20.26 -13.38 29.49
C ALA B 292 21.15 -14.41 28.78
N LEU B 293 22.47 -14.23 28.80
CA LEU B 293 23.43 -15.16 28.13
C LEU B 293 23.36 -16.53 28.83
N ARG B 294 23.31 -16.55 30.16
CA ARG B 294 23.18 -17.82 30.93
C ARG B 294 21.85 -18.50 30.59
N ASP B 295 20.76 -17.74 30.46
CA ASP B 295 19.42 -18.27 30.04
C ASP B 295 19.52 -18.92 28.66
N ALA B 296 20.31 -18.34 27.75
CA ALA B 296 20.46 -18.79 26.34
C ALA B 296 21.46 -19.95 26.24
N GLY B 297 22.23 -20.20 27.30
CA GLY B 297 23.32 -21.18 27.28
C GLY B 297 24.43 -20.74 26.33
N LEU B 298 24.71 -19.44 26.28
CA LEU B 298 25.76 -18.84 25.41
C LEU B 298 26.87 -18.23 26.27
N ASP B 299 28.11 -18.35 25.80
CA ASP B 299 29.29 -17.64 26.35
C ASP B 299 29.31 -16.23 25.75
N PRO B 300 29.76 -15.19 26.49
CA PRO B 300 29.87 -13.85 25.93
C PRO B 300 30.59 -13.79 24.57
N ARG B 301 31.56 -14.68 24.34
CA ARG B 301 32.37 -14.67 23.09
C ARG B 301 31.51 -15.06 21.87
N GLN B 302 30.29 -15.58 22.06
CA GLN B 302 29.40 -15.99 20.95
C GLN B 302 28.53 -14.81 20.47
N VAL B 303 28.55 -13.67 21.16
CA VAL B 303 27.72 -12.49 20.77
C VAL B 303 28.45 -11.74 19.65
N ASP B 304 27.75 -11.45 18.56
CA ASP B 304 28.31 -10.73 17.38
C ASP B 304 27.81 -9.27 17.35
N TYR B 305 26.55 -9.02 17.74
CA TYR B 305 25.92 -7.68 17.59
C TYR B 305 25.11 -7.36 18.85
N ILE B 306 25.26 -6.14 19.37
CA ILE B 306 24.41 -5.60 20.47
C ILE B 306 23.67 -4.39 19.92
N ASN B 307 22.33 -4.45 19.99
CA ASN B 307 21.49 -3.23 19.84
C ASN B 307 21.38 -2.61 21.24
N ALA B 308 22.12 -1.51 21.44
CA ALA B 308 22.31 -0.85 22.75
C ALA B 308 21.00 -0.19 23.21
N HIS B 309 20.90 0.06 24.51
CA HIS B 309 19.94 1.07 25.02
C HIS B 309 20.27 2.46 24.44
N GLY B 310 21.47 2.96 24.72
CA GLY B 310 22.09 4.06 23.96
C GLY B 310 21.16 5.24 23.68
N THR B 311 20.72 5.92 24.73
CA THR B 311 19.61 6.92 24.63
C THR B 311 20.14 8.33 24.35
N SER B 312 21.46 8.54 24.42
CA SER B 312 22.10 9.87 24.21
C SER B 312 22.07 10.69 25.51
N THR B 313 22.15 10.01 26.66
CA THR B 313 22.22 10.71 27.97
C THR B 313 23.67 10.72 28.46
N PRO B 314 24.14 11.79 29.14
CA PRO B 314 25.50 11.81 29.68
C PRO B 314 25.89 10.57 30.51
N ALA B 315 25.14 10.25 31.57
CA ALA B 315 25.48 9.17 32.53
C ALA B 315 25.19 7.80 31.90
N GLY B 316 24.06 7.67 31.20
CA GLY B 316 23.58 6.38 30.68
C GLY B 316 24.51 5.77 29.67
N ASP B 317 24.94 6.55 28.66
CA ASP B 317 25.67 5.95 27.52
C ASP B 317 26.99 5.35 28.04
N ILE B 318 27.69 6.06 28.93
CA ILE B 318 29.04 5.60 29.41
C ILE B 318 28.87 4.42 30.38
N ALA B 319 27.80 4.37 31.17
CA ALA B 319 27.51 3.19 32.04
C ALA B 319 27.34 1.93 31.17
N GLU B 320 26.71 2.03 30.00
CA GLU B 320 26.44 0.86 29.14
C GLU B 320 27.76 0.34 28.58
N ILE B 321 28.66 1.24 28.15
CA ILE B 321 30.03 0.86 27.71
C ILE B 321 30.72 0.08 28.84
N ALA B 322 30.68 0.61 30.07
CA ALA B 322 31.35 -0.03 31.23
C ALA B 322 30.79 -1.45 31.39
N ALA B 323 29.46 -1.62 31.30
CA ALA B 323 28.81 -2.92 31.50
C ALA B 323 29.24 -3.90 30.40
N VAL B 324 29.31 -3.44 29.14
CA VAL B 324 29.71 -4.30 28.00
C VAL B 324 31.19 -4.70 28.17
N LYS B 325 32.05 -3.79 28.61
CA LYS B 325 33.48 -4.11 28.86
C LYS B 325 33.57 -5.16 29.97
N SER B 326 32.77 -5.03 31.03
CA SER B 326 32.79 -5.96 32.20
CA SER B 326 32.78 -5.97 32.19
C SER B 326 32.36 -7.38 31.75
N VAL B 327 31.29 -7.48 30.98
CA VAL B 327 30.68 -8.78 30.58
C VAL B 327 31.56 -9.47 29.52
N PHE B 328 32.05 -8.72 28.53
CA PHE B 328 32.62 -9.31 27.29
C PHE B 328 34.15 -9.35 27.32
N GLY B 329 34.79 -8.59 28.21
CA GLY B 329 36.26 -8.54 28.32
C GLY B 329 36.90 -8.22 26.99
N GLU B 330 37.90 -8.98 26.54
CA GLU B 330 38.62 -8.70 25.28
C GLU B 330 37.65 -8.78 24.09
N HIS B 331 36.65 -9.65 24.15
CA HIS B 331 35.62 -9.84 23.10
C HIS B 331 34.79 -8.55 22.90
N ALA B 332 34.80 -7.63 23.85
CA ALA B 332 34.09 -6.34 23.73
C ALA B 332 34.59 -5.59 22.48
N HIS B 333 35.84 -5.85 22.06
CA HIS B 333 36.48 -5.19 20.89
C HIS B 333 36.28 -6.00 19.60
N ALA B 334 35.61 -7.16 19.65
CA ALA B 334 35.34 -8.00 18.47
C ALA B 334 33.87 -7.86 18.02
N LEU B 335 32.92 -7.75 18.96
CA LEU B 335 31.49 -7.55 18.63
C LEU B 335 31.30 -6.14 18.07
N SER B 336 30.16 -5.90 17.42
CA SER B 336 29.68 -4.58 16.99
C SER B 336 28.49 -4.19 17.87
N MET B 337 28.46 -2.96 18.35
CA MET B 337 27.33 -2.44 19.17
C MET B 337 26.88 -1.12 18.55
N SER B 338 25.58 -0.95 18.33
CA SER B 338 25.09 0.33 17.81
C SER B 338 23.78 0.73 18.49
N SER B 339 23.52 2.02 18.50
CA SER B 339 22.24 2.55 19.00
C SER B 339 21.44 3.05 17.81
N THR B 340 20.36 2.35 17.47
CA THR B 340 19.42 2.80 16.42
C THR B 340 18.62 4.01 16.91
N LYS B 341 18.66 4.35 18.21
CA LYS B 341 17.98 5.58 18.70
C LYS B 341 18.67 6.81 18.11
N SER B 342 19.90 6.68 17.60
CA SER B 342 20.59 7.76 16.85
C SER B 342 19.70 8.24 15.70
N MET B 343 18.91 7.33 15.11
CA MET B 343 18.02 7.59 13.95
C MET B 343 16.55 7.68 14.38
N THR B 344 16.07 6.80 15.25
CA THR B 344 14.62 6.71 15.59
C THR B 344 14.25 7.63 16.74
N GLY B 345 15.23 8.05 17.55
CA GLY B 345 14.99 8.61 18.90
C GLY B 345 14.48 7.51 19.83
N HIS B 346 14.00 7.92 21.00
CA HIS B 346 13.66 7.00 22.12
C HIS B 346 12.13 6.79 22.14
N LEU B 347 11.66 5.62 21.71
CA LEU B 347 10.22 5.28 21.63
C LEU B 347 9.71 4.79 22.99
N LEU B 348 10.51 4.92 24.06
CA LEU B 348 10.09 4.61 25.46
CA LEU B 348 10.07 4.62 25.46
C LEU B 348 9.50 3.19 25.50
N GLY B 349 8.19 3.03 25.77
CA GLY B 349 7.57 1.69 25.90
C GLY B 349 7.64 0.85 24.61
N ALA B 350 7.80 1.48 23.45
CA ALA B 350 7.94 0.76 22.16
C ALA B 350 9.42 0.51 21.82
N ALA B 351 10.38 1.16 22.49
CA ALA B 351 11.82 1.07 22.12
C ALA B 351 12.28 -0.40 22.06
N GLY B 352 11.97 -1.18 23.09
CA GLY B 352 12.44 -2.59 23.16
C GLY B 352 11.81 -3.45 22.06
N ALA B 353 10.60 -3.09 21.61
CA ALA B 353 9.86 -3.86 20.57
C ALA B 353 10.49 -3.56 19.22
N VAL B 354 10.66 -2.29 18.86
CA VAL B 354 11.24 -1.96 17.53
C VAL B 354 12.70 -2.42 17.50
N GLU B 355 13.41 -2.37 18.64
CA GLU B 355 14.85 -2.72 18.65
C GLU B 355 15.01 -4.26 18.61
N ALA B 356 14.04 -5.02 19.11
CA ALA B 356 14.02 -6.49 18.96
C ALA B 356 13.91 -6.80 17.46
N ILE B 357 13.01 -6.12 16.77
CA ILE B 357 12.81 -6.32 15.30
C ILE B 357 14.12 -5.97 14.58
N PHE B 358 14.78 -4.85 14.92
CA PHE B 358 16.06 -4.46 14.27
C PHE B 358 17.14 -5.52 14.53
N SER B 359 17.17 -6.12 15.72
CA SER B 359 18.15 -7.18 16.09
C SER B 359 17.88 -8.44 15.24
N VAL B 360 16.63 -8.80 15.03
CA VAL B 360 16.22 -9.97 14.20
C VAL B 360 16.61 -9.70 12.73
N LEU B 361 16.40 -8.48 12.24
CA LEU B 361 16.72 -8.14 10.83
C LEU B 361 18.25 -8.06 10.64
N ALA B 362 19.01 -7.68 11.67
CA ALA B 362 20.49 -7.73 11.62
C ALA B 362 20.94 -9.17 11.38
N LEU B 363 20.26 -10.14 11.99
CA LEU B 363 20.55 -11.59 11.80
C LEU B 363 20.14 -11.99 10.38
N ARG B 364 18.97 -11.56 9.91
CA ARG B 364 18.48 -11.96 8.57
C ARG B 364 19.47 -11.46 7.52
N ASP B 365 19.90 -10.21 7.64
CA ASP B 365 20.60 -9.49 6.53
C ASP B 365 22.11 -9.43 6.76
N GLN B 366 22.61 -9.95 7.88
CA GLN B 366 24.07 -9.98 8.21
C GLN B 366 24.64 -8.57 8.08
N VAL B 367 24.05 -7.61 8.79
CA VAL B 367 24.49 -6.19 8.77
C VAL B 367 24.20 -5.58 10.14
N ALA B 368 25.19 -4.88 10.70
CA ALA B 368 25.06 -4.05 11.91
C ALA B 368 24.57 -2.67 11.51
N PRO B 369 23.37 -2.22 11.97
CA PRO B 369 22.91 -0.85 11.74
C PRO B 369 23.86 0.17 12.34
N PRO B 370 23.96 1.39 11.76
CA PRO B 370 24.87 2.41 12.27
C PRO B 370 24.42 3.11 13.57
N THR B 371 25.38 3.68 14.30
CA THR B 371 25.14 4.79 15.25
C THR B 371 25.43 6.08 14.48
N ILE B 372 24.41 6.76 13.95
CA ILE B 372 24.66 8.07 13.28
C ILE B 372 24.98 9.13 14.33
N ASN B 373 25.57 10.25 13.89
CA ASN B 373 25.90 11.44 14.70
C ASN B 373 27.07 11.19 15.65
N LEU B 374 27.79 10.06 15.55
CA LEU B 374 28.91 9.72 16.46
C LEU B 374 30.18 10.41 15.94
N ASP B 375 30.20 11.74 16.01
CA ASP B 375 31.24 12.61 15.40
C ASP B 375 32.52 12.50 16.26
N ASN B 376 32.37 12.58 17.58
CA ASN B 376 33.51 12.66 18.55
C ASN B 376 33.20 11.76 19.74
N PRO B 377 33.54 10.45 19.65
CA PRO B 377 33.30 9.54 20.76
C PRO B 377 33.91 10.05 22.07
N ASP B 378 33.15 9.92 23.16
CA ASP B 378 33.56 10.42 24.49
C ASP B 378 34.66 9.51 25.06
N GLU B 379 35.28 9.94 26.16
CA GLU B 379 36.31 9.18 26.93
C GLU B 379 35.83 7.74 27.15
N GLY B 380 36.62 6.75 26.74
CA GLY B 380 36.39 5.32 27.00
C GLY B 380 35.40 4.70 26.04
N CYS B 381 34.84 5.47 25.11
CA CYS B 381 33.84 4.98 24.12
C CYS B 381 34.58 4.48 22.86
N ASP B 382 35.43 3.47 23.04
CA ASP B 382 36.46 3.04 22.06
C ASP B 382 36.15 1.64 21.52
N LEU B 383 34.91 1.17 21.64
CA LEU B 383 34.45 -0.09 21.01
C LEU B 383 34.07 0.18 19.55
N ASP B 384 33.75 -0.87 18.80
CA ASP B 384 33.13 -0.76 17.45
C ASP B 384 31.66 -0.38 17.65
N LEU B 385 31.37 0.92 17.60
CA LEU B 385 30.02 1.49 17.81
C LEU B 385 29.36 1.75 16.45
N VAL B 386 29.94 1.21 15.37
CA VAL B 386 29.37 1.24 14.00
C VAL B 386 29.04 2.71 13.66
N ALA B 387 29.98 3.61 13.91
CA ALA B 387 29.78 5.06 13.69
C ALA B 387 29.38 5.32 12.22
N HIS B 388 28.36 6.17 12.04
CA HIS B 388 27.96 6.76 10.73
C HIS B 388 27.35 5.86 9.65
N GLU B 389 27.89 4.67 9.45
CA GLU B 389 27.53 3.84 8.28
C GLU B 389 27.27 2.38 8.69
N ALA B 390 26.27 1.73 8.10
CA ALA B 390 25.95 0.31 8.32
C ALA B 390 27.19 -0.54 8.01
N LYS B 391 27.38 -1.64 8.74
CA LYS B 391 28.54 -2.54 8.55
C LYS B 391 28.07 -3.96 8.29
N PRO B 392 28.09 -4.43 7.02
CA PRO B 392 27.95 -5.84 6.72
C PRO B 392 29.00 -6.65 7.49
N ARG B 393 28.59 -7.73 8.15
CA ARG B 393 29.49 -8.59 8.97
C ARG B 393 28.73 -9.86 9.37
N LYS B 394 29.48 -10.82 9.90
CA LYS B 394 28.87 -12.08 10.37
C LYS B 394 28.14 -11.83 11.69
N ILE B 395 26.88 -12.19 11.72
CA ILE B 395 26.05 -12.09 12.96
C ILE B 395 25.27 -13.39 13.16
N ASP B 396 25.69 -14.19 14.16
CA ASP B 396 24.98 -15.44 14.54
C ASP B 396 24.10 -15.19 15.78
N VAL B 397 24.56 -14.32 16.68
CA VAL B 397 23.87 -13.98 17.95
C VAL B 397 23.75 -12.46 18.08
N ALA B 398 22.54 -11.95 18.33
CA ALA B 398 22.27 -10.51 18.55
C ALA B 398 21.60 -10.32 19.91
N LEU B 399 22.08 -9.34 20.66
CA LEU B 399 21.60 -9.00 22.02
C LEU B 399 20.90 -7.64 21.93
N SER B 400 19.75 -7.47 22.60
CA SER B 400 19.04 -6.17 22.66
C SER B 400 18.87 -5.76 24.13
N ASN B 401 19.38 -4.59 24.49
CA ASN B 401 19.35 -4.05 25.88
C ASN B 401 18.29 -2.96 26.06
N SER B 402 17.63 -2.95 27.21
CA SER B 402 16.71 -1.87 27.62
C SER B 402 16.88 -1.60 29.11
N PHE B 403 17.14 -0.34 29.48
CA PHE B 403 17.34 0.09 30.89
C PHE B 403 16.35 1.23 31.15
N GLY B 404 15.53 1.10 32.17
CA GLY B 404 14.39 2.01 32.38
C GLY B 404 14.50 2.80 33.67
N PHE B 405 13.82 3.94 33.73
CA PHE B 405 13.65 4.72 34.98
C PHE B 405 13.29 3.76 36.11
N GLY B 406 13.92 3.95 37.28
CA GLY B 406 13.80 3.04 38.43
C GLY B 406 14.93 2.04 38.48
N GLY B 407 15.74 1.97 37.42
CA GLY B 407 16.85 1.00 37.30
C GLY B 407 16.38 -0.39 36.93
N THR B 408 15.26 -0.51 36.21
CA THR B 408 14.70 -1.80 35.75
C THR B 408 15.33 -2.18 34.41
N ASN B 409 15.96 -3.34 34.35
CA ASN B 409 16.81 -3.75 33.21
C ASN B 409 16.25 -5.01 32.57
N GLY B 410 16.32 -5.08 31.25
CA GLY B 410 15.95 -6.27 30.48
C GLY B 410 16.88 -6.46 29.30
N THR B 411 17.21 -7.70 28.99
CA THR B 411 18.04 -8.06 27.81
C THR B 411 17.37 -9.22 27.08
N LEU B 412 17.29 -9.17 25.75
CA LEU B 412 16.84 -10.31 24.90
C LEU B 412 18.03 -10.79 24.09
N VAL B 413 18.09 -12.10 23.86
CA VAL B 413 19.13 -12.75 23.01
C VAL B 413 18.44 -13.52 21.90
N PHE B 414 18.76 -13.17 20.64
CA PHE B 414 18.26 -13.81 19.41
C PHE B 414 19.42 -14.54 18.72
N ARG B 415 19.09 -15.64 18.05
CA ARG B 415 20.10 -16.47 17.33
C ARG B 415 19.56 -16.81 15.95
N ARG B 416 20.44 -16.86 14.93
CA ARG B 416 20.07 -17.45 13.61
C ARG B 416 19.53 -18.85 13.88
N PHE B 417 18.44 -19.24 13.23
CA PHE B 417 17.69 -20.47 13.57
C PHE B 417 18.32 -21.70 12.90
N ALA B 418 18.69 -22.69 13.73
CA ALA B 418 19.05 -24.07 13.34
C ALA B 418 18.86 -25.01 14.55
S DMS C . -22.96 -16.77 -47.33
O DMS C . -22.93 -17.83 -46.26
C1 DMS C . -23.92 -17.48 -48.64
C2 DMS C . -21.36 -16.84 -48.12
N1 Q5L D . 4.96 1.12 -17.55
C4 Q5L D . 3.44 1.10 -15.89
C5 Q5L D . 3.73 2.42 -16.20
C6 Q5L D . 4.66 2.39 -17.22
N Q5L D . 2.44 -0.84 -14.87
C Q5L D . 2.38 -2.97 -13.67
O Q5L D . 1.94 1.19 -14.08
C1 Q5L D . 1.82 -1.57 -13.76
C2 Q5L D . 0.30 -1.55 -13.91
C3 Q5L D . 2.55 0.49 -14.89
N2 Q5L D . 4.21 0.36 -16.73
S DMS E . -4.15 -3.37 -38.45
O DMS E . -3.99 -4.64 -37.74
C1 DMS E . -2.94 -2.29 -37.77
C2 DMS E . -5.53 -2.55 -37.81
P PO4 F . -26.99 -15.50 -11.88
O1 PO4 F . -26.13 -16.31 -10.92
O2 PO4 F . -26.47 -15.69 -13.30
O3 PO4 F . -26.91 -14.02 -11.52
O4 PO4 F . -28.43 -15.97 -11.80
S DMS G . 10.16 3.17 -34.69
O DMS G . 11.53 2.80 -34.20
C1 DMS G . 10.38 4.51 -35.82
C2 DMS G . 9.41 4.08 -33.37
C FMT H . -20.62 12.53 -10.37
O1 FMT H . -21.02 11.39 -10.30
O2 FMT H . -19.79 13.07 -9.53
S DMS I . -9.60 -2.39 2.86
O DMS I . -11.04 -1.95 2.73
C1 DMS I . -9.60 -4.17 2.87
C2 DMS I . -9.15 -2.14 4.55
S DMS J . -4.87 10.50 1.79
O DMS J . -5.24 10.94 0.41
C1 DMS J . -4.25 11.94 2.63
C2 DMS J . -3.33 9.61 1.66
S DMS K . 12.43 -18.51 26.20
O DMS K . 12.30 -18.67 27.69
C1 DMS K . 12.73 -20.15 25.57
C2 DMS K . 14.06 -17.88 25.95
N1 Q5L L . 22.80 0.68 32.89
C4 Q5L L . 21.80 2.59 32.27
C5 Q5L L . 22.92 2.42 31.47
C6 Q5L L . 23.51 1.23 31.89
N Q5L L . 19.75 3.52 33.12
C Q5L L . 18.29 4.40 34.86
O Q5L L . 20.95 4.66 31.60
C1 Q5L L . 18.88 4.64 33.48
C2 Q5L L . 17.81 4.80 32.42
C3 Q5L L . 20.80 3.66 32.29
N2 Q5L L . 21.77 1.52 33.10
C FMT M . -11.68 8.59 24.23
O1 FMT M . -11.49 9.63 24.81
O2 FMT M . -11.36 8.36 22.99
C FMT N . 9.60 22.77 29.27
O1 FMT N . 9.61 22.50 28.09
O2 FMT N . 10.58 22.56 30.08
C FMT O . -8.36 10.37 19.18
O1 FMT O . -7.71 10.26 20.19
O2 FMT O . -8.89 9.39 18.52
C FMT P . -6.77 -15.22 10.97
O1 FMT P . -7.19 -16.23 11.50
O2 FMT P . -5.61 -14.71 11.19
C FMT Q . -2.63 5.19 33.19
O1 FMT Q . -2.19 4.84 32.11
O2 FMT Q . -3.11 6.37 33.45
S DMS R . 33.90 3.28 30.23
O DMS R . 35.25 3.03 29.60
C1 DMS R . 33.07 4.45 29.19
C2 DMS R . 34.19 4.34 31.62
S DMS S . 29.72 -9.74 5.18
O DMS S . 30.10 -10.97 5.96
C1 DMS S . 27.94 -9.67 5.21
C2 DMS S . 29.92 -10.14 3.46
#